data_7THM
#
_entry.id   7THM
#
_cell.length_a   1.00
_cell.length_b   1.00
_cell.length_c   1.00
_cell.angle_alpha   90.00
_cell.angle_beta   90.00
_cell.angle_gamma   90.00
#
_symmetry.space_group_name_H-M   'P 1'
#
loop_
_entity.id
_entity.type
_entity.pdbx_description
1 polymer 'RNA-directed RNA polymerase'
2 polymer 'Non-structural protein 8'
3 polymer 'Non-structural protein 7'
4 polymer 'Non-structural protein 9'
5 non-polymer 'ZINC ION'
6 non-polymer 'MANGANESE (II) ION'
7 non-polymer 'PYROPHOSPHATE 2-'
#
loop_
_entity_poly.entity_id
_entity_poly.type
_entity_poly.pdbx_seq_one_letter_code
_entity_poly.pdbx_strand_id
1 'polypeptide(L)'
;SADAQSFLNRVCGVSAARLTPCGTGTSTDVVYRAFDIYNDKVAGFAKFLKTNCCRFQEKDEDDNLIDSYFVVKRHTFSNY
QHEETIYNLLKDCPAVAKHDFFKFRIDGDMVPHISRQRLTKYTMADLVYALRHFDEGNCDTLKEILVTYNCCDDDYFNKK
DWYDFVENPDILRVYANLGERVRQALLKTVQFCDAMRNAGIVGVLTLDNQDLNGNWYDFGDFIQTTPGSGVPVVDSYYSL
LMPILTLTRALTAESHVDTDLTKPYIKWDLLKYDFTEERLKLFDRYFKYWDQTYHPNCVNCLDDRCILHCANFNVLFSTV
FPPTSFGPLVRKIFVDGVPFVVSTGYHFRELGVVHNQDVNLHSSRLSFKELLVYAADPAMHAASGNLLLDKRTTCFSVAA
LTNNVAFQTVKPGNFNKDFYDFAVSKGFFKEGSSVELKHFFFAQDGNAAISDYDYYRYNLPTMCDIRQLLFVVEVVDKYF
DCYDGGCINANQVIVNNLDKSAGFPFNKWGKARLYYDSMSYEDQDALFAYTKRNVIPTITQMNLKYAISAKNRARTVAGV
SICSTMTNRQFHQKLLKSIAATRGATVVIGTSKFYGGWHNMLKTVYSDVENPHLMGWDYPKCDRAMPNMLRIMASLVLAR
KHTTCCSLSHRFYRLANECAQVLSEMVMCGGSLYVKPGGTSSGDATTAYANSVFNICQAVTANVNALLSTDGNKIADKYV
RNLQHRLYECLYRNRDVDTDFVNEFYAYLRKHFSMMILSDDAVVCFNSTYASQGLVASIKNFKSVLYYQNNVFMSEAKCW
TETDLTKGPHEFCSQHTMLVKQGDDYVYLPYPDPSRILGAGCFVDDIVKTDGTLMIERFVSLAIDAYPLTKHPNQEYADV
FHLYLQYIRKLHDELTGHMLDMYSVMLTNDNTSRYWEPEFYEAMYTPHTVLQ
;
A
2 'polypeptide(L)'
;AIASEFSSLPSYAAFATAQEAYEQAVANGDSEVVLKKLKKSLNVAKSEFDRDAAMQRKLEKMADQAMTQMYKQARSEDKR
AKVTSAMQTMLFTMLRKLDNDALNNIINNARDGCVPLNIIPLTTAAKLMVVIPDYNTYKNTCDGTTFTYASALWEIQQVV
DADSKIVQLSEISMDNSPNLAWPLIVTALRANSAVKLQ
;
B,D
3 'polypeptide(L)'
;SKMSDVKCTSVVLLSVLQQLRVESSSKLWAQCVQLHNDILLAKDTTEAFEKMVSLLSVLLSMQGAVDINKLCEEMLDNRA
TLQ
;
C
4 'polypeptide(L)'
;NNELSPVALRQMSCAAGTTQTACTDDNALAYYNTTKGGRFVLALLSDLQDLKWARFPKSDGTGTIYTELEPPCRFVTDTP
KGPKVKYLYFIKGLNNLNRGMVLGSLAATVRLQ
;
G
#
# COMPACT_ATOMS: atom_id res chain seq x y z
N SER A 6 -13.57 -47.19 -27.06
CA SER A 6 -13.38 -48.00 -25.85
C SER A 6 -12.46 -47.30 -24.86
N PHE A 7 -11.60 -46.41 -25.38
CA PHE A 7 -10.69 -45.68 -24.51
C PHE A 7 -11.45 -44.78 -23.54
N LEU A 8 -12.49 -44.11 -24.02
CA LEU A 8 -13.28 -43.25 -23.15
C LEU A 8 -13.99 -44.06 -22.08
N ASN A 9 -14.46 -45.26 -22.43
CA ASN A 9 -15.04 -46.14 -21.43
C ASN A 9 -14.00 -46.57 -20.39
N ARG A 10 -12.81 -46.95 -20.85
CA ARG A 10 -11.80 -47.47 -19.94
C ARG A 10 -11.27 -46.40 -18.99
N VAL A 11 -11.06 -45.18 -19.49
CA VAL A 11 -10.48 -44.13 -18.66
C VAL A 11 -11.32 -43.88 -17.41
N CYS A 12 -12.61 -44.20 -17.45
CA CYS A 12 -13.48 -44.11 -16.29
C CYS A 12 -14.10 -45.49 -16.08
N GLY A 13 -13.54 -46.25 -15.15
CA GLY A 13 -13.92 -47.64 -14.98
C GLY A 13 -15.24 -47.84 -14.25
N VAL A 14 -15.29 -47.45 -12.97
CA VAL A 14 -16.42 -47.78 -12.12
C VAL A 14 -16.93 -46.56 -11.37
N SER A 15 -16.68 -45.36 -11.89
CA SER A 15 -17.08 -44.12 -11.21
C SER A 15 -17.81 -43.19 -12.19
N ALA A 16 -19.11 -43.42 -12.36
CA ALA A 16 -20.01 -42.48 -13.04
C ALA A 16 -19.39 -41.96 -14.34
N ALA A 17 -19.21 -42.89 -15.28
CA ALA A 17 -18.55 -42.59 -16.55
C ALA A 17 -19.47 -41.81 -17.49
N ARG A 18 -19.89 -40.64 -17.03
CA ARG A 18 -20.62 -39.68 -17.87
C ARG A 18 -19.65 -38.61 -18.37
N LEU A 19 -18.74 -39.06 -19.24
CA LEU A 19 -17.70 -38.19 -19.78
C LEU A 19 -18.04 -37.76 -21.20
N THR A 20 -17.36 -36.70 -21.65
CA THR A 20 -17.48 -36.19 -23.00
C THR A 20 -16.07 -35.87 -23.49
N PRO A 21 -15.70 -36.29 -24.70
CA PRO A 21 -14.35 -35.98 -25.19
C PRO A 21 -14.11 -34.48 -25.24
N CYS A 22 -12.88 -34.09 -24.90
CA CYS A 22 -12.46 -32.69 -24.98
C CYS A 22 -11.21 -32.49 -25.82
N GLY A 23 -10.59 -33.56 -26.32
CA GLY A 23 -9.44 -33.44 -27.19
C GLY A 23 -9.78 -33.84 -28.62
N THR A 24 -9.06 -34.83 -29.15
CA THR A 24 -9.31 -35.37 -30.48
C THR A 24 -9.10 -36.88 -30.41
N GLY A 25 -10.18 -37.61 -30.16
CA GLY A 25 -10.07 -39.05 -30.03
C GLY A 25 -9.11 -39.40 -28.91
N THR A 26 -8.19 -40.32 -29.21
CA THR A 26 -7.19 -40.75 -28.25
C THR A 26 -5.96 -39.85 -28.23
N SER A 27 -5.86 -38.89 -29.14
CA SER A 27 -4.70 -38.00 -29.18
C SER A 27 -4.68 -37.10 -27.96
N THR A 28 -3.47 -36.69 -27.57
CA THR A 28 -3.31 -35.80 -26.43
C THR A 28 -3.95 -34.45 -26.73
N ASP A 29 -3.96 -33.59 -25.71
CA ASP A 29 -4.60 -32.27 -25.81
C ASP A 29 -3.65 -31.23 -25.23
N VAL A 30 -2.89 -30.57 -26.10
CA VAL A 30 -1.99 -29.51 -25.65
C VAL A 30 -2.80 -28.31 -25.20
N VAL A 31 -2.29 -27.62 -24.17
CA VAL A 31 -2.92 -26.42 -23.64
C VAL A 31 -1.82 -25.45 -23.21
N TYR A 32 -2.16 -24.17 -23.18
CA TYR A 32 -1.23 -23.12 -22.78
C TYR A 32 -1.49 -22.78 -21.32
N ARG A 33 -0.91 -23.59 -20.43
CA ARG A 33 -1.08 -23.46 -18.99
C ARG A 33 0.22 -22.98 -18.36
N ALA A 34 0.19 -22.81 -17.04
CA ALA A 34 1.34 -22.37 -16.27
C ALA A 34 2.06 -23.57 -15.66
N PHE A 35 3.32 -23.36 -15.32
CA PHE A 35 4.15 -24.43 -14.78
C PHE A 35 5.28 -23.82 -13.96
N ASP A 36 5.95 -24.68 -13.20
CA ASP A 36 7.13 -24.32 -12.41
C ASP A 36 8.19 -25.38 -12.71
N ILE A 37 9.15 -25.04 -13.57
CA ILE A 37 10.10 -25.99 -14.12
C ILE A 37 11.49 -25.68 -13.60
N TYR A 38 12.21 -26.71 -13.17
CA TYR A 38 13.62 -26.56 -12.81
C TYR A 38 14.28 -27.94 -12.94
N ASN A 39 14.99 -28.17 -14.06
CA ASN A 39 15.81 -29.38 -14.19
C ASN A 39 17.00 -29.07 -15.09
N ASP A 40 18.08 -28.59 -14.47
CA ASP A 40 19.44 -28.62 -15.02
C ASP A 40 19.56 -28.05 -16.43
N LYS A 41 18.51 -27.41 -16.94
CA LYS A 41 18.58 -26.67 -18.20
C LYS A 41 17.86 -25.33 -18.15
N VAL A 42 16.85 -25.17 -17.31
CA VAL A 42 16.00 -23.99 -17.31
C VAL A 42 15.33 -23.91 -15.94
N ALA A 43 14.99 -22.69 -15.53
CA ALA A 43 14.42 -22.51 -14.20
C ALA A 43 13.60 -21.22 -14.20
N GLY A 44 12.32 -21.33 -13.87
CA GLY A 44 11.47 -20.16 -13.81
C GLY A 44 10.03 -20.55 -13.56
N PHE A 45 9.16 -19.55 -13.63
CA PHE A 45 7.72 -19.69 -13.40
C PHE A 45 7.02 -19.09 -14.62
N ALA A 46 6.74 -19.92 -15.62
CA ALA A 46 6.23 -19.44 -16.91
C ALA A 46 5.18 -20.41 -17.43
N LYS A 47 4.69 -20.13 -18.63
CA LYS A 47 3.69 -20.95 -19.29
C LYS A 47 4.33 -21.79 -20.38
N PHE A 48 3.95 -23.07 -20.44
CA PHE A 48 4.48 -24.00 -21.42
C PHE A 48 3.35 -24.76 -22.09
N LEU A 49 3.61 -25.23 -23.30
CA LEU A 49 2.62 -25.99 -24.08
C LEU A 49 2.74 -27.46 -23.71
N LYS A 50 1.70 -28.00 -23.08
CA LYS A 50 1.70 -29.40 -22.65
C LYS A 50 1.59 -30.34 -23.84
N CYS A 54 -4.47 -36.08 -22.41
CA CYS A 54 -5.70 -36.32 -23.13
C CYS A 54 -6.90 -36.03 -22.22
N ARG A 55 -7.21 -34.74 -22.08
CA ARG A 55 -8.14 -34.29 -21.06
C ARG A 55 -9.59 -34.57 -21.46
N PHE A 56 -10.39 -35.01 -20.49
CA PHE A 56 -11.81 -35.26 -20.64
C PHE A 56 -12.59 -34.45 -19.62
N GLN A 57 -13.91 -34.35 -19.84
CA GLN A 57 -14.80 -33.62 -18.96
C GLN A 57 -16.03 -34.49 -18.65
N GLU A 58 -16.59 -34.30 -17.46
CA GLU A 58 -17.71 -35.10 -16.99
C GLU A 58 -18.99 -34.29 -17.10
N LYS A 59 -20.05 -34.94 -17.60
CA LYS A 59 -21.35 -34.29 -17.80
C LYS A 59 -22.27 -34.65 -16.64
N ASP A 60 -22.82 -33.64 -15.99
CA ASP A 60 -23.72 -33.84 -14.87
C ASP A 60 -25.11 -34.25 -15.37
N ASN A 64 -25.91 -30.90 -19.02
CA ASN A 64 -25.12 -29.91 -18.29
C ASN A 64 -23.76 -30.49 -17.92
N LEU A 65 -22.73 -29.66 -17.99
CA LEU A 65 -21.36 -30.06 -17.72
C LEU A 65 -20.85 -29.41 -16.43
N ILE A 66 -19.95 -30.11 -15.76
CA ILE A 66 -19.36 -29.62 -14.51
C ILE A 66 -17.85 -29.76 -14.62
N ASP A 67 -17.14 -28.90 -13.90
CA ASP A 67 -15.67 -28.87 -13.95
C ASP A 67 -15.12 -30.08 -13.20
N SER A 68 -14.85 -31.14 -13.94
CA SER A 68 -14.22 -32.34 -13.38
C SER A 68 -13.65 -33.14 -14.54
N TYR A 69 -12.35 -33.39 -14.52
CA TYR A 69 -11.63 -33.88 -15.69
C TYR A 69 -10.78 -35.08 -15.35
N PHE A 70 -10.57 -35.94 -16.35
CA PHE A 70 -9.76 -37.15 -16.26
C PHE A 70 -8.49 -36.90 -17.10
N VAL A 71 -7.47 -36.33 -16.47
CA VAL A 71 -6.25 -35.94 -17.16
C VAL A 71 -5.41 -37.21 -17.34
N VAL A 72 -5.37 -37.71 -18.58
CA VAL A 72 -4.57 -38.88 -18.90
C VAL A 72 -3.23 -38.44 -19.44
N LYS A 73 -2.21 -39.29 -19.28
CA LYS A 73 -0.86 -38.98 -19.70
C LYS A 73 -0.22 -40.21 -20.32
N ARG A 74 0.83 -39.98 -21.09
CA ARG A 74 1.69 -41.03 -21.63
C ARG A 74 3.09 -40.79 -21.12
N HIS A 75 3.73 -41.84 -20.59
CA HIS A 75 5.00 -41.70 -19.89
C HIS A 75 5.88 -42.90 -20.23
N THR A 76 6.96 -43.06 -19.49
CA THR A 76 7.88 -44.17 -19.64
C THR A 76 7.69 -45.18 -18.51
N PHE A 77 7.97 -46.44 -18.80
CA PHE A 77 7.77 -47.50 -17.80
C PHE A 77 8.48 -47.17 -16.50
N SER A 78 9.67 -46.58 -16.57
CA SER A 78 10.38 -46.21 -15.35
C SER A 78 9.55 -45.25 -14.52
N ASN A 79 9.09 -44.15 -15.13
CA ASN A 79 8.25 -43.20 -14.40
C ASN A 79 6.92 -43.83 -14.02
N TYR A 80 6.38 -44.71 -14.87
CA TYR A 80 5.12 -45.36 -14.54
C TYR A 80 5.23 -46.14 -13.23
N GLN A 81 6.24 -47.01 -13.12
CA GLN A 81 6.41 -47.77 -11.89
C GLN A 81 6.77 -46.87 -10.72
N HIS A 82 7.61 -45.87 -10.96
CA HIS A 82 8.02 -44.96 -9.91
C HIS A 82 6.82 -44.24 -9.29
N GLU A 83 5.88 -43.80 -10.14
CA GLU A 83 4.68 -43.17 -9.64
C GLU A 83 3.72 -44.18 -9.02
N GLU A 84 3.61 -45.37 -9.59
CA GLU A 84 2.68 -46.37 -9.07
C GLU A 84 3.05 -46.76 -7.65
N THR A 85 4.34 -46.99 -7.38
CA THR A 85 4.76 -47.37 -6.04
C THR A 85 4.36 -46.30 -5.02
N ILE A 86 4.69 -45.04 -5.31
CA ILE A 86 4.45 -43.98 -4.34
C ILE A 86 2.95 -43.73 -4.18
N TYR A 87 2.17 -43.82 -5.26
CA TYR A 87 0.74 -43.68 -5.13
C TYR A 87 0.16 -44.80 -4.26
N ASN A 88 0.56 -46.03 -4.53
CA ASN A 88 0.11 -47.15 -3.71
C ASN A 88 0.48 -46.95 -2.25
N LEU A 89 1.60 -46.27 -2.00
CA LEU A 89 2.02 -46.01 -0.63
C LEU A 89 1.35 -44.77 -0.03
N LEU A 90 0.70 -43.93 -0.83
CA LEU A 90 0.06 -42.72 -0.35
C LEU A 90 -1.45 -42.67 -0.53
N LYS A 91 -2.08 -43.74 -1.02
CA LYS A 91 -3.50 -43.67 -1.31
C LYS A 91 -4.35 -43.45 -0.07
N ASP A 92 -3.79 -43.68 1.12
CA ASP A 92 -4.59 -43.58 2.34
C ASP A 92 -5.13 -42.17 2.56
N CYS A 93 -4.29 -41.17 2.34
CA CYS A 93 -4.69 -39.80 2.64
C CYS A 93 -5.83 -39.36 1.72
N PRO A 94 -6.79 -38.59 2.23
CA PRO A 94 -7.87 -38.09 1.37
C PRO A 94 -7.45 -36.94 0.45
N ALA A 95 -6.27 -36.37 0.64
CA ALA A 95 -5.80 -35.24 -0.16
C ALA A 95 -4.99 -35.66 -1.37
N VAL A 96 -5.25 -36.86 -1.90
CA VAL A 96 -4.57 -37.35 -3.09
C VAL A 96 -5.64 -37.71 -4.11
N ALA A 97 -5.59 -37.08 -5.27
CA ALA A 97 -6.58 -37.35 -6.32
C ALA A 97 -6.58 -38.83 -6.66
N LYS A 98 -7.76 -39.42 -6.68
CA LYS A 98 -7.87 -40.84 -7.01
C LYS A 98 -7.25 -41.10 -8.38
N HIS A 99 -6.16 -41.84 -8.41
CA HIS A 99 -5.47 -42.13 -9.66
C HIS A 99 -5.96 -43.46 -10.23
N ASP A 100 -5.48 -43.77 -11.43
CA ASP A 100 -5.81 -45.04 -12.09
C ASP A 100 -4.69 -45.37 -13.06
N PHE A 101 -4.18 -46.59 -12.97
CA PHE A 101 -3.04 -47.03 -13.77
C PHE A 101 -3.43 -48.21 -14.62
N PHE A 102 -2.96 -48.20 -15.87
CA PHE A 102 -3.22 -49.27 -16.83
C PHE A 102 -2.37 -49.01 -18.06
N LYS A 103 -2.44 -49.92 -19.02
CA LYS A 103 -1.62 -49.82 -20.22
C LYS A 103 -2.45 -50.12 -21.48
N VAL A 111 2.18 -49.70 -23.94
CA VAL A 111 2.38 -48.30 -23.61
C VAL A 111 1.75 -47.99 -22.25
N PRO A 112 2.45 -47.22 -21.42
CA PRO A 112 1.90 -46.89 -20.09
C PRO A 112 0.99 -45.67 -20.12
N HIS A 113 -0.17 -45.77 -19.48
CA HIS A 113 -1.09 -44.65 -19.32
C HIS A 113 -1.43 -44.50 -17.85
N ILE A 114 -1.26 -43.28 -17.33
CA ILE A 114 -1.68 -42.94 -15.98
C ILE A 114 -2.89 -42.02 -16.10
N SER A 115 -4.00 -42.42 -15.47
CA SER A 115 -5.25 -41.69 -15.55
C SER A 115 -5.60 -41.15 -14.18
N ARG A 116 -5.77 -39.83 -14.09
CA ARG A 116 -6.26 -39.19 -12.88
C ARG A 116 -7.78 -39.28 -12.89
N GLN A 117 -8.43 -38.65 -11.92
CA GLN A 117 -9.89 -38.69 -11.84
C GLN A 117 -10.41 -37.45 -11.14
N ARG A 118 -11.48 -36.89 -11.68
CA ARG A 118 -12.25 -35.83 -11.03
C ARG A 118 -11.36 -34.64 -10.65
N LEU A 119 -10.45 -34.29 -11.55
CA LEU A 119 -9.62 -33.11 -11.35
C LEU A 119 -10.28 -31.88 -11.94
N THR A 120 -9.95 -30.73 -11.35
CA THR A 120 -10.54 -29.46 -11.78
C THR A 120 -9.97 -29.03 -13.12
N LYS A 121 -10.66 -28.09 -13.78
CA LYS A 121 -10.19 -27.60 -15.07
C LYS A 121 -8.82 -26.96 -14.96
N TYR A 122 -8.62 -26.11 -13.94
CA TYR A 122 -7.39 -25.36 -13.78
C TYR A 122 -6.75 -25.69 -12.43
N THR A 123 -5.43 -25.77 -12.42
CA THR A 123 -4.68 -26.05 -11.21
C THR A 123 -4.39 -24.77 -10.45
N MET A 124 -3.97 -24.92 -9.19
CA MET A 124 -3.63 -23.76 -8.38
C MET A 124 -2.57 -22.90 -9.05
N ALA A 125 -1.65 -23.53 -9.79
CA ALA A 125 -0.61 -22.77 -10.47
C ALA A 125 -1.20 -21.80 -11.47
N ASP A 126 -2.21 -22.24 -12.22
CA ASP A 126 -2.85 -21.35 -13.18
C ASP A 126 -3.51 -20.16 -12.49
N LEU A 127 -4.20 -20.40 -11.37
CA LEU A 127 -4.82 -19.31 -10.64
C LEU A 127 -3.78 -18.31 -10.14
N VAL A 128 -2.69 -18.82 -9.54
CA VAL A 128 -1.68 -17.93 -9.01
C VAL A 128 -1.02 -17.13 -10.14
N TYR A 129 -0.73 -17.78 -11.26
CA TYR A 129 -0.12 -17.07 -12.39
C TYR A 129 -1.06 -16.00 -12.93
N ALA A 130 -2.35 -16.34 -13.07
CA ALA A 130 -3.31 -15.38 -13.61
C ALA A 130 -3.43 -14.17 -12.69
N LEU A 131 -3.45 -14.39 -11.37
CA LEU A 131 -3.55 -13.27 -10.45
C LEU A 131 -2.21 -12.56 -10.24
N ARG A 132 -1.10 -13.15 -10.70
CA ARG A 132 0.21 -12.53 -10.57
C ARG A 132 0.75 -11.96 -11.88
N HIS A 133 0.17 -12.33 -13.02
CA HIS A 133 0.54 -11.82 -14.33
C HIS A 133 -0.68 -11.25 -15.03
N PHE A 134 -1.44 -10.44 -14.31
CA PHE A 134 -2.71 -9.94 -14.83
C PHE A 134 -2.49 -9.09 -16.07
N ASP A 135 -3.40 -9.21 -17.03
CA ASP A 135 -3.36 -8.43 -18.27
C ASP A 135 -4.77 -8.32 -18.79
N GLU A 136 -5.38 -7.14 -18.65
CA GLU A 136 -6.76 -6.98 -19.08
C GLU A 136 -6.93 -7.28 -20.56
N GLY A 137 -5.87 -7.11 -21.35
CA GLY A 137 -5.94 -7.49 -22.75
C GLY A 137 -6.22 -8.96 -22.95
N ASN A 138 -5.57 -9.81 -22.13
CA ASN A 138 -5.75 -11.27 -22.20
C ASN A 138 -5.82 -11.78 -20.76
N CYS A 139 -7.04 -11.85 -20.22
CA CYS A 139 -7.28 -12.36 -18.88
C CYS A 139 -8.50 -13.27 -18.87
N ASP A 140 -8.65 -14.09 -19.91
CA ASP A 140 -9.81 -14.96 -20.01
C ASP A 140 -9.81 -16.02 -18.91
N THR A 141 -8.63 -16.54 -18.56
CA THR A 141 -8.57 -17.59 -17.56
C THR A 141 -9.08 -17.11 -16.21
N LEU A 142 -8.73 -15.88 -15.82
CA LEU A 142 -9.21 -15.34 -14.54
C LEU A 142 -10.73 -15.23 -14.54
N LYS A 143 -11.31 -14.72 -15.62
CA LYS A 143 -12.77 -14.64 -15.70
C LYS A 143 -13.41 -16.02 -15.62
N GLU A 144 -12.83 -16.99 -16.33
CA GLU A 144 -13.38 -18.34 -16.29
C GLU A 144 -13.34 -18.90 -14.88
N ILE A 145 -12.21 -18.73 -14.19
CA ILE A 145 -12.09 -19.23 -12.83
C ILE A 145 -13.12 -18.56 -11.93
N LEU A 146 -13.26 -17.24 -12.05
CA LEU A 146 -14.18 -16.50 -11.20
C LEU A 146 -15.61 -16.99 -11.40
N VAL A 147 -16.06 -17.06 -12.65
CA VAL A 147 -17.46 -17.42 -12.91
C VAL A 147 -17.71 -18.89 -12.55
N THR A 148 -16.74 -19.77 -12.82
CA THR A 148 -16.97 -21.20 -12.65
C THR A 148 -17.32 -21.58 -11.22
N TYR A 149 -16.94 -20.75 -10.24
CA TYR A 149 -17.15 -21.08 -8.83
C TYR A 149 -18.11 -20.11 -8.16
N ASN A 150 -19.04 -19.55 -8.92
CA ASN A 150 -20.11 -18.69 -8.41
C ASN A 150 -19.57 -17.48 -7.64
N CYS A 151 -18.30 -17.13 -7.83
CA CYS A 151 -17.78 -15.93 -7.18
C CYS A 151 -18.51 -14.69 -7.66
N CYS A 152 -18.81 -14.63 -8.95
CA CYS A 152 -19.60 -13.55 -9.53
C CYS A 152 -20.38 -14.13 -10.70
N ASP A 153 -20.96 -13.25 -11.52
CA ASP A 153 -21.73 -13.64 -12.69
C ASP A 153 -21.08 -13.08 -13.94
N ASP A 154 -21.20 -13.82 -15.04
CA ASP A 154 -20.52 -13.45 -16.28
C ASP A 154 -20.84 -12.02 -16.69
N ASP A 155 -22.07 -11.57 -16.44
CA ASP A 155 -22.45 -10.20 -16.80
C ASP A 155 -21.64 -9.17 -16.02
N TYR A 156 -20.97 -9.57 -14.94
CA TYR A 156 -20.15 -8.63 -14.18
C TYR A 156 -19.03 -8.04 -15.02
N PHE A 157 -18.62 -8.71 -16.09
CA PHE A 157 -17.50 -8.28 -16.91
C PHE A 157 -17.91 -7.34 -18.04
N ASN A 158 -19.22 -7.09 -18.22
CA ASN A 158 -19.66 -6.01 -19.09
C ASN A 158 -19.57 -4.66 -18.41
N LYS A 159 -19.33 -4.64 -17.11
CA LYS A 159 -19.10 -3.40 -16.37
C LYS A 159 -17.61 -3.06 -16.45
N LYS A 160 -17.21 -2.63 -17.65
CA LYS A 160 -15.81 -2.31 -17.89
C LYS A 160 -15.28 -1.41 -16.79
N ASP A 161 -13.99 -1.56 -16.51
CA ASP A 161 -13.33 -1.04 -15.31
C ASP A 161 -13.63 -1.90 -14.08
N TRP A 162 -14.10 -3.13 -14.30
CA TRP A 162 -14.41 -4.02 -13.18
C TRP A 162 -13.14 -4.46 -12.47
N TYR A 163 -12.06 -4.69 -13.22
CA TYR A 163 -10.84 -5.26 -12.64
C TYR A 163 -10.13 -4.30 -11.71
N ASP A 164 -10.37 -2.99 -11.83
CA ASP A 164 -9.62 -2.03 -11.04
C ASP A 164 -9.95 -2.18 -9.56
N PHE A 165 -8.97 -1.84 -8.72
CA PHE A 165 -9.13 -1.86 -7.26
C PHE A 165 -9.53 -0.51 -6.70
N VAL A 166 -8.91 0.57 -7.16
CA VAL A 166 -9.25 1.90 -6.65
C VAL A 166 -10.70 2.23 -6.97
N GLU A 167 -11.16 1.81 -8.15
CA GLU A 167 -12.56 1.95 -8.53
C GLU A 167 -13.20 0.57 -8.60
N ASN A 168 -14.49 0.52 -8.27
CA ASN A 168 -15.20 -0.75 -8.15
C ASN A 168 -14.54 -1.59 -7.07
N PRO A 169 -14.58 -1.16 -5.80
CA PRO A 169 -14.02 -1.98 -4.72
C PRO A 169 -14.76 -3.29 -4.50
N ASP A 170 -15.89 -3.50 -5.16
CA ASP A 170 -16.61 -4.77 -5.05
C ASP A 170 -15.82 -5.93 -5.64
N ILE A 171 -14.75 -5.65 -6.38
CA ILE A 171 -13.89 -6.73 -6.87
C ILE A 171 -13.26 -7.46 -5.70
N LEU A 172 -13.03 -6.77 -4.58
CA LEU A 172 -12.53 -7.46 -3.38
C LEU A 172 -13.54 -8.49 -2.88
N ARG A 173 -14.81 -8.10 -2.83
CA ARG A 173 -15.87 -9.04 -2.45
C ARG A 173 -15.93 -10.20 -3.43
N VAL A 174 -15.77 -9.91 -4.72
CA VAL A 174 -15.83 -10.96 -5.73
C VAL A 174 -14.69 -11.95 -5.53
N TYR A 175 -13.49 -11.44 -5.27
CA TYR A 175 -12.33 -12.32 -5.06
C TYR A 175 -12.48 -13.13 -3.78
N ALA A 176 -13.01 -12.52 -2.72
CA ALA A 176 -13.09 -13.19 -1.42
C ALA A 176 -13.93 -14.46 -1.46
N ASN A 177 -14.62 -14.74 -2.57
CA ASN A 177 -15.41 -15.95 -2.68
C ASN A 177 -14.56 -17.19 -2.87
N LEU A 178 -13.26 -17.04 -3.13
CA LEU A 178 -12.34 -18.15 -3.29
C LEU A 178 -11.59 -18.48 -1.99
N GLY A 179 -11.90 -17.77 -0.91
CA GLY A 179 -11.18 -18.01 0.33
C GLY A 179 -11.37 -19.39 0.88
N GLU A 180 -12.61 -19.91 0.82
CA GLU A 180 -12.86 -21.25 1.31
C GLU A 180 -12.11 -22.30 0.49
N ARG A 181 -12.07 -22.11 -0.83
CA ARG A 181 -11.30 -23.04 -1.67
C ARG A 181 -9.82 -22.99 -1.32
N VAL A 182 -9.29 -21.79 -1.12
CA VAL A 182 -7.86 -21.66 -0.78
C VAL A 182 -7.57 -22.33 0.56
N ARG A 183 -8.44 -22.11 1.55
CA ARG A 183 -8.24 -22.71 2.86
C ARG A 183 -8.31 -24.23 2.79
N GLN A 184 -9.28 -24.76 2.03
CA GLN A 184 -9.37 -26.21 1.88
C GLN A 184 -8.12 -26.76 1.19
N ALA A 185 -7.61 -26.04 0.18
CA ALA A 185 -6.39 -26.47 -0.47
C ALA A 185 -5.23 -26.50 0.52
N LEU A 186 -5.12 -25.49 1.37
CA LEU A 186 -4.04 -25.48 2.36
C LEU A 186 -4.17 -26.66 3.32
N LEU A 187 -5.38 -26.93 3.81
CA LEU A 187 -5.58 -28.04 4.74
C LEU A 187 -5.23 -29.36 4.08
N LYS A 188 -5.68 -29.57 2.84
CA LYS A 188 -5.37 -30.81 2.15
C LYS A 188 -3.88 -30.94 1.87
N THR A 189 -3.19 -29.83 1.60
CA THR A 189 -1.76 -29.87 1.43
C THR A 189 -1.06 -30.29 2.73
N VAL A 190 -1.52 -29.77 3.86
CA VAL A 190 -0.93 -30.17 5.14
C VAL A 190 -1.16 -31.66 5.38
N GLN A 191 -2.37 -32.14 5.09
CA GLN A 191 -2.65 -33.57 5.23
C GLN A 191 -1.73 -34.40 4.34
N PHE A 192 -1.52 -33.95 3.11
CA PHE A 192 -0.64 -34.66 2.19
C PHE A 192 0.80 -34.69 2.70
N CYS A 193 1.27 -33.56 3.25
CA CYS A 193 2.62 -33.53 3.79
C CYS A 193 2.76 -34.49 4.97
N ASP A 194 1.76 -34.53 5.85
CA ASP A 194 1.80 -35.49 6.95
C ASP A 194 1.83 -36.91 6.41
N ALA A 195 1.01 -37.21 5.41
CA ALA A 195 0.99 -38.57 4.86
C ALA A 195 2.34 -38.95 4.28
N MET A 196 2.96 -38.05 3.51
CA MET A 196 4.28 -38.36 2.95
C MET A 196 5.31 -38.57 4.05
N ARG A 197 5.32 -37.69 5.05
CA ARG A 197 6.32 -37.80 6.10
C ARG A 197 6.17 -39.12 6.85
N ASN A 198 4.94 -39.52 7.14
CA ASN A 198 4.72 -40.80 7.81
C ASN A 198 5.05 -41.98 6.89
N ALA A 199 4.91 -41.80 5.59
CA ALA A 199 5.17 -42.87 4.63
C ALA A 199 6.61 -42.91 4.13
N GLY A 200 7.47 -42.01 4.61
CA GLY A 200 8.87 -42.03 4.23
C GLY A 200 9.13 -41.76 2.76
N ILE A 201 8.54 -40.68 2.24
CA ILE A 201 8.74 -40.26 0.86
C ILE A 201 9.33 -38.85 0.86
N VAL A 202 10.41 -38.67 0.13
CA VAL A 202 11.09 -37.38 0.01
C VAL A 202 10.84 -36.84 -1.39
N GLY A 203 10.55 -35.54 -1.47
CA GLY A 203 10.27 -34.94 -2.76
C GLY A 203 10.12 -33.44 -2.64
N VAL A 204 9.82 -32.82 -3.78
CA VAL A 204 9.61 -31.38 -3.87
C VAL A 204 8.16 -31.14 -4.26
N LEU A 205 7.55 -30.13 -3.65
CA LEU A 205 6.11 -29.87 -3.75
C LEU A 205 5.89 -28.59 -4.55
N THR A 206 5.16 -28.71 -5.65
CA THR A 206 4.96 -27.62 -6.60
C THR A 206 3.48 -27.29 -6.72
N LEU A 207 3.20 -26.02 -7.04
CA LEU A 207 1.81 -25.58 -7.17
C LEU A 207 1.11 -26.29 -8.32
N ASP A 208 1.79 -26.48 -9.44
CA ASP A 208 1.15 -26.98 -10.65
C ASP A 208 0.68 -28.42 -10.53
N ASN A 209 0.78 -29.06 -9.38
CA ASN A 209 0.36 -30.44 -9.19
C ASN A 209 -0.75 -30.54 -8.15
N GLN A 210 -1.65 -29.56 -8.15
CA GLN A 210 -2.77 -29.56 -7.20
C GLN A 210 -3.95 -28.85 -7.86
N ASP A 211 -5.01 -29.58 -8.16
CA ASP A 211 -6.20 -28.97 -8.70
C ASP A 211 -6.82 -28.01 -7.67
N LEU A 212 -7.77 -27.19 -8.13
CA LEU A 212 -8.34 -26.17 -7.27
C LEU A 212 -9.19 -26.78 -6.15
N ASN A 213 -9.69 -27.99 -6.31
CA ASN A 213 -10.41 -28.64 -5.23
C ASN A 213 -9.50 -28.89 -4.04
N GLY A 214 -8.27 -29.36 -4.30
CA GLY A 214 -7.31 -29.57 -3.23
C GLY A 214 -6.49 -30.83 -3.40
N ASN A 215 -6.92 -31.72 -4.30
CA ASN A 215 -6.26 -33.00 -4.46
C ASN A 215 -4.86 -32.82 -5.06
N TRP A 216 -4.14 -33.94 -5.20
CA TRP A 216 -2.76 -33.92 -5.67
C TRP A 216 -2.54 -35.04 -6.67
N TYR A 217 -1.41 -34.98 -7.36
CA TYR A 217 -1.05 -35.94 -8.40
C TYR A 217 0.40 -35.67 -8.80
N ASP A 218 0.87 -36.38 -9.84
CA ASP A 218 2.18 -36.14 -10.45
C ASP A 218 3.31 -36.35 -9.45
N PHE A 219 3.48 -37.62 -9.07
CA PHE A 219 4.57 -38.05 -8.20
C PHE A 219 5.76 -38.57 -8.98
N GLY A 220 6.02 -38.03 -10.17
CA GLY A 220 7.01 -38.59 -11.06
C GLY A 220 8.46 -38.30 -10.74
N ASP A 221 8.74 -37.49 -9.72
CA ASP A 221 10.12 -37.15 -9.36
C ASP A 221 10.30 -37.19 -7.85
N PHE A 222 9.74 -38.19 -7.20
CA PHE A 222 9.90 -38.39 -5.77
C PHE A 222 10.88 -39.53 -5.51
N ILE A 223 11.08 -39.85 -4.24
CA ILE A 223 12.00 -40.91 -3.85
C ILE A 223 11.52 -41.51 -2.53
N GLN A 224 11.74 -42.81 -2.37
CA GLN A 224 11.37 -43.51 -1.14
C GLN A 224 12.48 -43.40 -0.11
N PRO A 227 10.67 -45.66 5.76
CA PRO A 227 9.41 -45.16 6.34
C PRO A 227 9.63 -44.39 7.63
N GLY A 228 8.84 -43.34 7.85
CA GLY A 228 8.93 -42.54 9.04
C GLY A 228 9.97 -41.44 9.02
N SER A 229 10.73 -41.30 7.94
CA SER A 229 11.76 -40.28 7.84
C SER A 229 11.62 -39.44 6.58
N GLY A 230 10.45 -39.48 5.94
CA GLY A 230 10.25 -38.70 4.73
C GLY A 230 10.25 -37.21 5.00
N VAL A 231 10.56 -36.44 3.96
CA VAL A 231 10.63 -34.98 4.06
C VAL A 231 10.25 -34.37 2.72
N PRO A 232 9.15 -33.63 2.62
CA PRO A 232 8.83 -32.92 1.38
C PRO A 232 9.37 -31.49 1.38
N VAL A 233 9.90 -31.08 0.23
CA VAL A 233 10.44 -29.75 0.05
C VAL A 233 9.30 -28.85 -0.42
N VAL A 234 8.80 -28.00 0.47
CA VAL A 234 7.56 -27.27 0.21
C VAL A 234 7.83 -25.77 0.32
N ASP A 235 9.03 -25.35 -0.03
CA ASP A 235 9.37 -23.93 0.06
C ASP A 235 8.80 -23.14 -1.11
N SER A 236 9.03 -23.62 -2.34
CA SER A 236 8.54 -22.92 -3.52
C SER A 236 7.02 -22.80 -3.49
N TYR A 237 6.34 -23.88 -3.09
CA TYR A 237 4.88 -23.90 -3.07
C TYR A 237 4.33 -22.73 -2.26
N TYR A 238 4.62 -22.70 -0.96
CA TYR A 238 4.07 -21.65 -0.11
C TYR A 238 4.61 -20.28 -0.50
N SER A 239 5.90 -20.20 -0.88
CA SER A 239 6.46 -18.90 -1.22
C SER A 239 5.72 -18.28 -2.41
N LEU A 240 5.40 -19.08 -3.43
CA LEU A 240 4.67 -18.58 -4.57
C LEU A 240 3.19 -18.35 -4.26
N LEU A 241 2.60 -19.18 -3.40
CA LEU A 241 1.16 -19.09 -3.14
C LEU A 241 0.81 -18.01 -2.12
N MET A 242 1.78 -17.49 -1.39
CA MET A 242 1.48 -16.54 -0.31
C MET A 242 0.65 -15.34 -0.78
N PRO A 243 0.95 -14.68 -1.89
CA PRO A 243 0.18 -13.47 -2.24
C PRO A 243 -1.31 -13.72 -2.39
N ILE A 244 -1.72 -14.91 -2.82
CA ILE A 244 -3.13 -15.18 -3.05
C ILE A 244 -3.91 -15.45 -1.78
N LEU A 245 -3.26 -15.39 -0.61
CA LEU A 245 -3.94 -15.66 0.64
C LEU A 245 -4.60 -14.42 1.23
N THR A 246 -3.93 -13.27 1.20
CA THR A 246 -4.55 -12.03 1.64
C THR A 246 -5.44 -11.42 0.57
N LEU A 247 -5.28 -11.82 -0.68
CA LEU A 247 -6.15 -11.30 -1.75
C LEU A 247 -7.55 -11.91 -1.67
N THR A 248 -7.63 -13.22 -1.44
CA THR A 248 -8.90 -13.93 -1.43
C THR A 248 -9.41 -14.22 -0.03
N ARG A 249 -8.79 -13.64 1.00
CA ARG A 249 -9.24 -13.80 2.39
C ARG A 249 -9.52 -15.27 2.72
N ALA A 250 -8.44 -16.05 2.66
CA ALA A 250 -8.56 -17.48 2.90
C ALA A 250 -8.77 -17.81 4.38
N LEU A 251 -8.32 -16.94 5.29
CA LEU A 251 -8.43 -17.17 6.72
C LEU A 251 -9.53 -16.33 7.35
N THR A 252 -10.62 -16.10 6.62
CA THR A 252 -11.78 -15.42 7.18
C THR A 252 -12.75 -16.37 7.87
N ALA A 253 -12.59 -17.68 7.66
CA ALA A 253 -13.43 -18.67 8.31
C ALA A 253 -12.91 -19.07 9.69
N GLU A 254 -11.79 -18.51 10.13
CA GLU A 254 -11.24 -18.80 11.45
C GLU A 254 -11.78 -17.89 12.53
N SER A 255 -12.69 -16.98 12.20
CA SER A 255 -13.31 -16.09 13.17
C SER A 255 -14.66 -16.61 13.66
N HIS A 256 -15.06 -17.81 13.24
CA HIS A 256 -16.31 -18.41 13.67
C HIS A 256 -16.05 -19.38 14.81
N VAL A 257 -17.15 -19.82 15.46
CA VAL A 257 -17.02 -20.65 16.65
C VAL A 257 -16.26 -21.93 16.32
N ASP A 258 -16.56 -22.54 15.18
CA ASP A 258 -15.88 -23.76 14.76
C ASP A 258 -15.57 -23.72 13.27
N THR A 262 -21.14 -20.07 8.84
CA THR A 262 -22.51 -20.49 9.12
C THR A 262 -22.80 -20.45 10.62
N LYS A 263 -21.91 -19.84 11.38
CA LYS A 263 -22.02 -19.76 12.83
C LYS A 263 -21.73 -18.33 13.27
N PRO A 264 -22.16 -17.95 14.46
CA PRO A 264 -21.86 -16.59 14.94
C PRO A 264 -20.37 -16.38 15.14
N TYR A 265 -19.97 -15.11 15.07
CA TYR A 265 -18.57 -14.76 15.28
C TYR A 265 -18.14 -15.16 16.68
N ILE A 266 -16.86 -15.55 16.80
CA ILE A 266 -16.32 -15.87 18.12
C ILE A 266 -16.45 -14.65 19.02
N LYS A 267 -16.91 -14.88 20.25
CA LYS A 267 -17.04 -13.82 21.23
C LYS A 267 -15.72 -13.65 21.97
N TRP A 268 -14.71 -13.22 21.21
CA TRP A 268 -13.38 -13.04 21.78
C TRP A 268 -13.44 -12.08 22.96
N ASP A 269 -12.78 -12.46 24.05
CA ASP A 269 -12.72 -11.58 25.21
C ASP A 269 -12.09 -10.25 24.82
N LEU A 270 -12.70 -9.16 25.27
CA LEU A 270 -12.19 -7.84 24.94
C LEU A 270 -10.80 -7.60 25.51
N LEU A 271 -10.51 -8.20 26.67
CA LEU A 271 -9.25 -7.96 27.35
C LEU A 271 -8.10 -8.83 26.84
N LYS A 272 -8.39 -9.81 26.00
CA LYS A 272 -7.34 -10.67 25.47
C LYS A 272 -6.49 -9.91 24.46
N TYR A 273 -5.17 -10.02 24.59
CA TYR A 273 -4.26 -9.37 23.67
C TYR A 273 -3.04 -10.20 23.29
N ASP A 274 -2.90 -11.43 23.80
CA ASP A 274 -1.70 -12.21 23.51
C ASP A 274 -1.82 -12.92 22.17
N PHE A 275 -2.78 -13.85 22.06
CA PHE A 275 -3.04 -14.56 20.81
C PHE A 275 -1.84 -15.37 20.32
N THR A 276 -0.76 -15.41 21.10
CA THR A 276 0.44 -16.12 20.65
C THR A 276 0.16 -17.61 20.46
N GLU A 277 -0.58 -18.22 21.40
CA GLU A 277 -0.93 -19.62 21.26
C GLU A 277 -1.80 -19.83 20.03
N GLU A 278 -2.74 -18.92 19.77
CA GLU A 278 -3.56 -19.03 18.57
C GLU A 278 -2.71 -18.88 17.31
N ARG A 279 -1.73 -17.98 17.34
CA ARG A 279 -0.83 -17.83 16.20
C ARG A 279 -0.09 -19.13 15.92
N LEU A 280 0.47 -19.75 16.96
CA LEU A 280 1.20 -21.00 16.77
C LEU A 280 0.27 -22.12 16.30
N LYS A 281 -0.95 -22.16 16.83
CA LYS A 281 -1.91 -23.16 16.39
C LYS A 281 -2.25 -23.00 14.92
N LEU A 282 -2.47 -21.77 14.48
CA LEU A 282 -2.72 -21.53 13.05
C LEU A 282 -1.52 -21.94 12.21
N PHE A 283 -0.31 -21.60 12.66
CA PHE A 283 0.89 -21.96 11.92
C PHE A 283 1.01 -23.47 11.79
N ASP A 284 0.73 -24.20 12.87
CA ASP A 284 0.80 -25.66 12.81
C ASP A 284 -0.34 -26.25 11.99
N ARG A 285 -1.48 -25.56 11.91
CA ARG A 285 -2.59 -26.09 11.12
C ARG A 285 -2.35 -25.89 9.62
N TYR A 286 -1.73 -24.79 9.23
CA TYR A 286 -1.55 -24.45 7.82
C TYR A 286 -0.10 -24.47 7.36
N PHE A 287 0.86 -24.17 8.23
CA PHE A 287 2.27 -24.13 7.84
C PHE A 287 3.08 -25.10 8.68
N LYS A 288 2.58 -26.33 8.81
CA LYS A 288 3.24 -27.31 9.68
C LYS A 288 4.67 -27.58 9.24
N TYR A 289 4.90 -27.70 7.94
CA TYR A 289 6.18 -28.14 7.41
C TYR A 289 7.02 -27.00 6.84
N TRP A 290 6.76 -25.77 7.27
CA TRP A 290 7.64 -24.63 6.95
C TRP A 290 8.86 -24.74 7.86
N ASP A 291 9.89 -25.42 7.36
CA ASP A 291 11.05 -25.75 8.20
C ASP A 291 11.94 -24.56 8.48
N GLN A 292 11.38 -23.54 9.11
CA GLN A 292 12.14 -22.38 9.57
C GLN A 292 11.47 -21.85 10.82
N THR A 293 12.29 -21.43 11.79
CA THR A 293 11.75 -20.96 13.05
C THR A 293 10.80 -19.80 12.83
N TYR A 294 9.61 -19.88 13.43
CA TYR A 294 8.63 -18.81 13.41
C TYR A 294 8.49 -18.25 14.82
N HIS A 295 8.71 -16.95 14.95
CA HIS A 295 8.57 -16.27 16.24
C HIS A 295 7.31 -15.43 16.23
N PRO A 296 6.25 -15.81 16.95
CA PRO A 296 5.05 -14.97 16.98
C PRO A 296 5.35 -13.54 17.40
N ASN A 297 6.29 -13.36 18.32
CA ASN A 297 6.83 -12.05 18.64
C ASN A 297 8.15 -11.90 17.88
N CYS A 298 8.23 -10.87 17.03
CA CYS A 298 9.42 -10.71 16.19
C CYS A 298 10.65 -10.29 16.98
N VAL A 299 10.48 -9.95 18.26
CA VAL A 299 11.63 -9.58 19.08
C VAL A 299 12.59 -10.75 19.27
N ASN A 300 12.13 -11.98 19.02
CA ASN A 300 12.97 -13.17 19.14
C ASN A 300 13.74 -13.48 17.87
N CYS A 301 13.62 -12.66 16.83
CA CYS A 301 14.28 -12.93 15.57
C CYS A 301 15.78 -12.73 15.67
N LEU A 302 16.52 -13.43 14.81
CA LEU A 302 17.97 -13.40 14.84
C LEU A 302 18.55 -12.31 13.94
N ASP A 303 17.94 -12.07 12.79
CA ASP A 303 18.41 -11.06 11.85
C ASP A 303 17.23 -10.46 11.11
N ASP A 304 17.46 -9.33 10.47
CA ASP A 304 16.38 -8.63 9.76
C ASP A 304 15.70 -9.53 8.75
N ARG A 305 16.44 -10.46 8.14
CA ARG A 305 15.81 -11.41 7.23
C ARG A 305 14.79 -12.26 7.98
N CYS A 306 15.13 -12.72 9.18
CA CYS A 306 14.18 -13.46 10.00
C CYS A 306 12.99 -12.57 10.39
N ILE A 307 13.25 -11.29 10.65
CA ILE A 307 12.16 -10.37 10.99
C ILE A 307 11.16 -10.29 9.83
N LEU A 308 11.68 -10.14 8.61
CA LEU A 308 10.79 -10.10 7.45
C LEU A 308 10.04 -11.42 7.29
N HIS A 309 10.75 -12.54 7.48
CA HIS A 309 10.11 -13.84 7.31
C HIS A 309 8.96 -14.02 8.29
N CYS A 310 9.15 -13.63 9.55
CA CYS A 310 8.11 -13.81 10.55
C CYS A 310 6.98 -12.80 10.38
N ALA A 311 7.31 -11.55 10.00
CA ALA A 311 6.26 -10.57 9.74
C ALA A 311 5.38 -10.99 8.57
N ASN A 312 5.96 -11.67 7.58
CA ASN A 312 5.15 -12.14 6.46
C ASN A 312 4.04 -13.07 6.93
N PHE A 313 4.26 -13.83 8.01
CA PHE A 313 3.24 -14.70 8.56
C PHE A 313 2.33 -13.97 9.53
N ASN A 314 2.89 -13.03 10.30
CA ASN A 314 2.06 -12.24 11.20
C ASN A 314 1.03 -11.42 10.44
N VAL A 315 1.37 -10.98 9.23
CA VAL A 315 0.41 -10.23 8.41
C VAL A 315 -0.80 -11.10 8.13
N LEU A 316 -0.57 -12.36 7.73
CA LEU A 316 -1.69 -13.25 7.43
C LEU A 316 -2.47 -13.60 8.68
N PHE A 317 -1.78 -13.80 9.80
CA PHE A 317 -2.45 -14.26 11.02
C PHE A 317 -3.13 -13.14 11.79
N SER A 318 -2.85 -11.88 11.48
CA SER A 318 -3.52 -10.78 12.18
C SER A 318 -4.92 -10.49 11.66
N THR A 319 -5.35 -11.14 10.57
CA THR A 319 -6.65 -10.89 9.98
C THR A 319 -7.73 -11.84 10.50
N VAL A 320 -7.52 -12.44 11.67
CA VAL A 320 -8.50 -13.31 12.30
C VAL A 320 -8.98 -12.76 13.64
N PHE A 321 -8.08 -12.19 14.42
CA PHE A 321 -8.38 -11.72 15.76
C PHE A 321 -9.18 -10.43 15.71
N PRO A 322 -9.88 -10.09 16.79
CA PRO A 322 -10.67 -8.86 16.81
C PRO A 322 -9.78 -7.64 16.60
N PRO A 323 -10.27 -6.62 15.90
CA PRO A 323 -9.42 -5.44 15.62
C PRO A 323 -9.21 -4.54 16.83
N THR A 324 -9.93 -4.75 17.93
CA THR A 324 -9.73 -3.95 19.13
C THR A 324 -8.53 -4.43 19.94
N SER A 325 -8.07 -5.66 19.73
CA SER A 325 -6.93 -6.17 20.48
C SER A 325 -5.65 -5.43 20.11
N PHE A 326 -5.46 -5.15 18.84
CA PHE A 326 -4.25 -4.47 18.39
C PHE A 326 -4.22 -3.04 18.95
N GLY A 327 -3.09 -2.38 18.74
CA GLY A 327 -2.90 -1.05 19.28
C GLY A 327 -2.12 -1.08 20.58
N PRO A 328 -1.83 0.11 21.13
CA PRO A 328 -1.03 0.17 22.36
C PRO A 328 -1.69 -0.60 23.50
N LEU A 329 -0.86 -1.24 24.30
CA LEU A 329 -1.29 -1.98 25.49
C LEU A 329 -1.02 -1.12 26.71
N VAL A 330 -2.05 -0.85 27.50
CA VAL A 330 -1.95 0.12 28.60
C VAL A 330 -2.00 -0.62 29.93
N ARG A 331 -1.26 -0.08 30.90
CA ARG A 331 -1.22 -0.60 32.26
C ARG A 331 -1.32 0.59 33.21
N LYS A 332 -2.07 0.42 34.29
CA LYS A 332 -2.29 1.50 35.25
C LYS A 332 -1.10 1.59 36.20
N ILE A 333 -0.37 2.70 36.13
CA ILE A 333 0.77 2.94 37.00
C ILE A 333 0.40 4.06 37.98
N PHE A 334 1.23 4.21 39.01
CA PHE A 334 0.98 5.17 40.08
C PHE A 334 2.16 6.11 40.24
N VAL A 335 1.87 7.39 40.41
CA VAL A 335 2.87 8.40 40.76
C VAL A 335 2.31 9.23 41.89
N ASP A 336 3.02 9.25 43.02
CA ASP A 336 2.59 10.00 44.20
C ASP A 336 1.12 9.70 44.53
N GLY A 337 0.72 8.45 44.33
CA GLY A 337 -0.65 8.04 44.55
C GLY A 337 -1.63 8.47 43.49
N VAL A 338 -1.16 9.01 42.37
CA VAL A 338 -2.02 9.46 41.28
C VAL A 338 -1.96 8.40 40.18
N PRO A 339 -3.04 7.65 39.93
CA PRO A 339 -2.97 6.57 38.93
C PRO A 339 -3.21 7.06 37.51
N PHE A 340 -2.25 6.80 36.62
CA PHE A 340 -2.40 7.07 35.19
C PHE A 340 -2.74 5.79 34.45
N VAL A 341 -2.87 5.92 33.13
CA VAL A 341 -3.05 4.76 32.25
C VAL A 341 -2.18 4.97 31.02
N VAL A 342 -1.03 4.30 31.00
CA VAL A 342 -0.01 4.53 29.98
C VAL A 342 0.32 3.21 29.30
N SER A 343 0.80 3.31 28.06
CA SER A 343 1.16 2.13 27.30
C SER A 343 2.45 1.51 27.83
N THR A 344 2.46 0.19 27.94
CA THR A 344 3.63 -0.57 28.38
C THR A 344 3.90 -1.69 27.40
N GLY A 345 3.84 -1.37 26.12
CA GLY A 345 4.07 -2.33 25.06
C GLY A 345 3.34 -1.87 23.81
N TYR A 346 3.09 -2.83 22.91
CA TYR A 346 2.25 -2.59 21.76
C TYR A 346 1.98 -3.92 21.09
N HIS A 347 0.93 -3.99 20.28
CA HIS A 347 0.53 -5.22 19.59
C HIS A 347 0.48 -4.90 18.11
N PHE A 348 1.59 -5.15 17.41
CA PHE A 348 1.63 -5.01 15.95
C PHE A 348 0.91 -6.17 15.28
N ARG A 349 0.37 -5.89 14.10
CA ARG A 349 -0.11 -6.95 13.23
C ARG A 349 1.02 -7.72 12.57
N GLU A 350 2.24 -7.17 12.58
CA GLU A 350 3.40 -7.78 11.92
C GLU A 350 4.44 -8.23 12.93
N LEU A 351 4.91 -7.34 13.79
CA LEU A 351 5.96 -7.66 14.74
C LEU A 351 5.45 -8.32 16.01
N GLY A 352 4.18 -8.72 16.05
CA GLY A 352 3.65 -9.40 17.21
C GLY A 352 3.61 -8.50 18.44
N VAL A 353 3.61 -9.14 19.60
CA VAL A 353 3.57 -8.43 20.87
C VAL A 353 4.98 -7.96 21.23
N VAL A 354 5.07 -6.73 21.72
CA VAL A 354 6.34 -6.14 22.14
C VAL A 354 6.13 -5.51 23.51
N HIS A 355 6.93 -5.91 24.49
CA HIS A 355 6.84 -5.41 25.85
C HIS A 355 8.04 -4.53 26.14
N ASN A 356 7.78 -3.37 26.76
CA ASN A 356 8.85 -2.44 27.09
C ASN A 356 9.80 -3.05 28.12
N GLN A 357 10.92 -2.38 28.37
CA GLN A 357 11.91 -2.85 29.32
C GLN A 357 12.18 -1.87 30.44
N ASP A 358 12.21 -0.57 30.15
CA ASP A 358 12.42 0.45 31.18
C ASP A 358 11.06 1.00 31.62
N VAL A 359 10.32 0.17 32.34
CA VAL A 359 8.99 0.51 32.84
C VAL A 359 9.02 0.40 34.36
N ASN A 360 8.53 1.44 35.03
CA ASN A 360 8.46 1.47 36.49
C ASN A 360 7.04 1.77 36.92
N LEU A 361 6.57 1.06 37.94
CA LEU A 361 5.21 1.20 38.44
C LEU A 361 5.10 2.19 39.58
N HIS A 362 6.18 2.87 39.94
CA HIS A 362 6.13 3.86 41.01
C HIS A 362 7.15 4.94 40.73
N SER A 363 6.94 6.11 41.34
CA SER A 363 7.83 7.25 41.16
C SER A 363 7.44 8.38 42.10
N PHE A 368 11.41 15.95 32.21
CA PHE A 368 11.08 16.56 30.92
C PHE A 368 10.83 15.47 29.89
N LYS A 369 11.83 14.62 29.66
CA LYS A 369 11.65 13.50 28.75
C LYS A 369 10.48 12.63 29.16
N GLU A 370 10.25 12.46 30.46
CA GLU A 370 9.11 11.67 30.91
C GLU A 370 7.80 12.32 30.44
N LEU A 371 7.70 13.63 30.57
CA LEU A 371 6.52 14.34 30.09
C LEU A 371 6.37 14.17 28.58
N LEU A 372 7.47 14.29 27.84
CA LEU A 372 7.38 14.19 26.39
C LEU A 372 6.91 12.80 25.96
N VAL A 373 7.44 11.74 26.58
CA VAL A 373 7.02 10.40 26.22
C VAL A 373 5.57 10.16 26.64
N TYR A 374 5.17 10.72 27.80
CA TYR A 374 3.85 10.44 28.32
C TYR A 374 2.77 11.14 27.50
N ALA A 375 2.98 12.41 27.16
CA ALA A 375 1.95 13.17 26.45
C ALA A 375 1.69 12.60 25.07
N ALA A 376 2.75 12.23 24.34
CA ALA A 376 2.56 11.68 22.99
C ALA A 376 1.82 10.36 23.02
N ASP A 377 1.77 9.69 24.16
CA ASP A 377 1.09 8.40 24.24
C ASP A 377 -0.40 8.58 24.04
N PRO A 378 -1.03 7.88 23.09
CA PRO A 378 -2.49 7.97 22.95
C PRO A 378 -3.26 7.28 24.05
N ALA A 379 -2.59 6.65 25.02
CA ALA A 379 -3.29 5.90 26.05
C ALA A 379 -4.29 6.77 26.80
N MET A 380 -3.80 7.79 27.49
CA MET A 380 -4.69 8.64 28.28
C MET A 380 -5.60 9.46 27.39
N HIS A 381 -5.12 9.88 26.22
CA HIS A 381 -5.95 10.66 25.30
C HIS A 381 -7.20 9.90 24.91
N ALA A 382 -7.05 8.62 24.55
CA ALA A 382 -8.21 7.81 24.21
C ALA A 382 -8.97 7.34 25.44
N ALA A 383 -8.32 7.28 26.60
CA ALA A 383 -9.01 6.86 27.82
C ALA A 383 -9.93 7.95 28.35
N SER A 384 -9.50 9.20 28.30
CA SER A 384 -10.25 10.33 28.84
C SER A 384 -11.01 11.09 27.76
N GLY A 385 -11.51 10.38 26.75
CA GLY A 385 -12.27 10.99 25.69
C GLY A 385 -13.58 10.26 25.46
N ASN A 386 -14.54 10.99 24.89
CA ASN A 386 -15.85 10.44 24.65
C ASN A 386 -15.80 9.40 23.54
N LEU A 387 -16.46 8.27 23.75
CA LEU A 387 -16.57 7.26 22.70
C LEU A 387 -17.20 7.89 21.46
N LEU A 388 -16.83 7.36 20.29
CA LEU A 388 -17.28 7.93 19.03
C LEU A 388 -17.57 6.81 18.04
N LEU A 389 -18.60 7.02 17.21
CA LEU A 389 -18.99 6.09 16.15
C LEU A 389 -19.22 6.92 14.89
N ASP A 390 -18.16 7.11 14.09
CA ASP A 390 -18.28 7.86 12.85
C ASP A 390 -18.82 6.95 11.76
N LYS A 391 -19.99 7.29 11.23
CA LYS A 391 -20.64 6.53 10.18
C LYS A 391 -20.39 7.12 8.80
N ARG A 392 -19.59 8.18 8.70
CA ARG A 392 -19.20 8.71 7.41
C ARG A 392 -18.16 7.81 6.75
N THR A 393 -17.20 7.33 7.52
CA THR A 393 -16.08 6.55 7.01
C THR A 393 -16.26 5.07 7.35
N THR A 394 -15.25 4.28 6.98
CA THR A 394 -15.18 2.87 7.35
C THR A 394 -13.97 2.54 8.20
N CYS A 395 -12.97 3.43 8.28
CA CYS A 395 -11.81 3.18 9.11
C CYS A 395 -12.22 3.14 10.58
N PHE A 396 -11.61 2.21 11.32
CA PHE A 396 -11.93 2.05 12.72
C PHE A 396 -11.67 3.33 13.50
N SER A 397 -12.63 3.73 14.33
CA SER A 397 -12.51 4.90 15.18
C SER A 397 -12.19 4.48 16.61
N VAL A 398 -11.72 5.43 17.40
CA VAL A 398 -11.28 5.14 18.76
C VAL A 398 -12.08 5.96 19.76
N ALA A 399 -11.96 7.28 19.72
CA ALA A 399 -12.63 8.13 20.70
C ALA A 399 -12.56 9.60 20.34
N ALA A 400 -13.66 10.32 20.52
CA ALA A 400 -13.66 11.76 20.31
C ALA A 400 -12.88 12.46 21.43
N LEU A 401 -12.22 13.56 21.07
CA LEU A 401 -11.49 14.38 22.03
C LEU A 401 -12.23 15.66 22.39
N THR A 402 -13.48 15.81 21.95
CA THR A 402 -14.27 17.00 22.26
C THR A 402 -15.74 16.63 22.11
N ASN A 403 -16.60 17.62 22.34
CA ASN A 403 -18.04 17.40 22.31
C ASN A 403 -18.63 17.53 20.91
N ASN A 404 -17.98 18.27 20.02
CA ASN A 404 -18.49 18.50 18.67
C ASN A 404 -17.38 18.25 17.66
N VAL A 405 -17.72 17.53 16.58
CA VAL A 405 -16.74 17.31 15.52
C VAL A 405 -16.49 18.62 14.77
N ALA A 406 -15.38 18.67 14.07
CA ALA A 406 -14.92 19.87 13.37
C ALA A 406 -14.98 19.66 11.87
N PHE A 407 -15.43 20.69 11.15
CA PHE A 407 -15.49 20.69 9.70
C PHE A 407 -14.59 21.80 9.18
N GLN A 408 -13.72 21.46 8.24
CA GLN A 408 -12.74 22.40 7.69
C GLN A 408 -13.04 22.66 6.22
N THR A 409 -12.74 23.88 5.79
CA THR A 409 -13.00 24.32 4.42
C THR A 409 -11.73 24.92 3.83
N VAL A 410 -11.63 24.87 2.50
CA VAL A 410 -10.49 25.40 1.77
C VAL A 410 -10.98 26.57 0.93
N LYS A 411 -10.34 27.73 1.11
CA LYS A 411 -10.71 28.92 0.37
C LYS A 411 -10.30 28.79 -1.09
N PRO A 412 -10.92 29.56 -1.97
CA PRO A 412 -10.54 29.55 -3.38
C PRO A 412 -9.30 30.41 -3.61
N GLY A 413 -8.86 30.46 -4.87
CA GLY A 413 -7.65 31.17 -5.21
C GLY A 413 -7.73 32.66 -5.01
N ASN A 414 -6.75 33.40 -5.54
CA ASN A 414 -6.70 34.86 -5.43
C ASN A 414 -6.30 35.39 -6.79
N PHE A 415 -7.30 35.81 -7.58
CA PHE A 415 -7.03 36.32 -8.92
C PHE A 415 -6.08 37.50 -8.87
N ASN A 416 -5.12 37.52 -9.78
CA ASN A 416 -4.17 38.62 -9.93
C ASN A 416 -4.58 39.40 -11.18
N LYS A 417 -5.34 40.48 -10.98
CA LYS A 417 -5.86 41.24 -12.10
C LYS A 417 -4.73 41.86 -12.92
N ASP A 418 -3.70 42.40 -12.25
CA ASP A 418 -2.64 43.10 -12.97
C ASP A 418 -1.95 42.19 -13.98
N PHE A 419 -1.54 41.00 -13.54
CA PHE A 419 -0.81 40.12 -14.44
C PHE A 419 -1.70 39.63 -15.57
N TYR A 420 -2.97 39.34 -15.28
CA TYR A 420 -3.87 38.89 -16.34
C TYR A 420 -4.08 39.97 -17.38
N ASP A 421 -4.25 41.23 -16.94
CA ASP A 421 -4.38 42.33 -17.88
C ASP A 421 -3.12 42.49 -18.71
N PHE A 422 -1.94 42.39 -18.06
CA PHE A 422 -0.69 42.50 -18.78
C PHE A 422 -0.57 41.39 -19.83
N ALA A 423 -0.97 40.16 -19.47
CA ALA A 423 -0.84 39.05 -20.39
C ALA A 423 -1.79 39.19 -21.58
N VAL A 424 -3.04 39.56 -21.32
CA VAL A 424 -3.98 39.73 -22.42
C VAL A 424 -3.54 40.88 -23.31
N SER A 425 -2.94 41.93 -22.73
CA SER A 425 -2.41 43.02 -23.54
C SER A 425 -1.40 42.51 -24.56
N LYS A 426 -0.67 41.46 -24.22
CA LYS A 426 0.32 40.87 -25.11
C LYS A 426 -0.25 39.76 -25.99
N GLY A 427 -1.55 39.78 -26.25
CA GLY A 427 -2.15 38.83 -27.16
C GLY A 427 -2.05 37.39 -26.69
N PHE A 428 -2.42 37.14 -25.43
CA PHE A 428 -2.45 35.80 -24.87
C PHE A 428 -3.88 35.39 -24.55
N PHE A 429 -4.11 34.07 -24.53
CA PHE A 429 -5.42 33.50 -24.24
C PHE A 429 -6.41 33.74 -25.37
N LYS A 430 -5.94 33.90 -26.59
CA LYS A 430 -6.82 33.97 -27.74
C LYS A 430 -7.46 32.62 -27.99
N GLU A 431 -8.61 32.64 -28.67
CA GLU A 431 -9.32 31.39 -28.97
C GLU A 431 -8.41 30.45 -29.75
N GLY A 432 -8.31 29.21 -29.27
CA GLY A 432 -7.52 28.20 -29.94
C GLY A 432 -6.03 28.23 -29.64
N SER A 433 -5.56 29.18 -28.85
CA SER A 433 -4.14 29.26 -28.55
C SER A 433 -3.69 28.01 -27.79
N SER A 434 -2.44 27.61 -28.04
CA SER A 434 -1.92 26.40 -27.42
C SER A 434 -1.90 26.54 -25.89
N VAL A 435 -1.46 27.69 -25.40
CA VAL A 435 -1.38 27.91 -23.95
C VAL A 435 -2.75 28.34 -23.45
N GLU A 436 -3.28 27.61 -22.47
CA GLU A 436 -4.57 27.91 -21.88
C GLU A 436 -4.54 27.52 -20.41
N LEU A 437 -5.21 28.32 -19.58
CA LEU A 437 -5.23 28.05 -18.14
C LEU A 437 -5.81 26.67 -17.87
N LYS A 438 -5.09 25.87 -17.10
CA LYS A 438 -5.56 24.56 -16.67
C LYS A 438 -5.25 24.25 -15.21
N HIS A 439 -4.58 25.15 -14.49
CA HIS A 439 -4.22 24.94 -13.10
C HIS A 439 -4.85 26.03 -12.26
N PHE A 440 -5.63 25.64 -11.25
CA PHE A 440 -6.38 26.59 -10.45
C PHE A 440 -6.33 26.16 -8.99
N PHE A 441 -6.53 27.14 -8.10
CA PHE A 441 -6.75 26.86 -6.69
C PHE A 441 -8.21 26.48 -6.50
N PHE A 442 -8.48 25.21 -6.19
CA PHE A 442 -9.84 24.74 -6.02
C PHE A 442 -10.25 24.84 -4.55
N ALA A 443 -11.52 25.17 -4.34
CA ALA A 443 -12.08 25.33 -3.02
C ALA A 443 -12.83 24.05 -2.62
N GLN A 444 -12.76 23.71 -1.33
CA GLN A 444 -13.35 22.49 -0.80
C GLN A 444 -14.39 22.84 0.26
N ASP A 445 -15.46 22.04 0.31
CA ASP A 445 -16.55 22.27 1.24
C ASP A 445 -16.19 21.79 2.64
N GLY A 446 -17.18 21.75 3.53
CA GLY A 446 -16.93 21.40 4.92
C GLY A 446 -16.40 19.99 5.11
N ASN A 447 -17.19 18.98 4.75
CA ASN A 447 -16.80 17.58 4.97
C ASN A 447 -15.89 17.10 3.85
N ALA A 448 -14.71 17.71 3.77
CA ALA A 448 -13.69 17.35 2.80
C ALA A 448 -12.51 16.59 3.42
N ALA A 449 -12.10 16.98 4.63
CA ALA A 449 -10.98 16.29 5.27
C ALA A 449 -11.30 14.83 5.53
N ILE A 450 -12.52 14.54 5.99
CA ILE A 450 -12.90 13.17 6.29
C ILE A 450 -13.01 12.36 5.00
N SER A 451 -13.55 12.96 3.95
CA SER A 451 -13.63 12.27 2.67
C SER A 451 -12.23 11.95 2.15
N ASP A 452 -11.29 12.88 2.32
CA ASP A 452 -9.91 12.62 1.92
C ASP A 452 -9.32 11.48 2.73
N TYR A 453 -9.51 11.52 4.05
CA TYR A 453 -8.94 10.48 4.90
C TYR A 453 -9.52 9.11 4.56
N ASP A 454 -10.80 9.05 4.21
CA ASP A 454 -11.42 7.77 3.89
C ASP A 454 -10.74 7.07 2.72
N TYR A 455 -9.83 7.73 2.02
CA TYR A 455 -9.08 7.09 0.95
C TYR A 455 -8.15 6.01 1.47
N TYR A 456 -7.92 5.93 2.78
CA TYR A 456 -7.10 4.87 3.35
C TYR A 456 -7.75 3.50 3.24
N ARG A 457 -8.97 3.41 2.71
CA ARG A 457 -9.60 2.12 2.47
C ARG A 457 -8.91 1.33 1.38
N TYR A 458 -7.98 1.93 0.64
CA TYR A 458 -7.25 1.23 -0.41
C TYR A 458 -6.06 0.45 0.13
N ASN A 459 -5.74 0.59 1.41
CA ASN A 459 -4.63 -0.13 2.02
C ASN A 459 -5.17 -1.42 2.62
N LEU A 460 -4.86 -2.55 2.01
CA LEU A 460 -5.33 -3.85 2.42
C LEU A 460 -4.18 -4.72 2.91
N PRO A 461 -4.46 -5.76 3.68
CA PRO A 461 -3.39 -6.71 4.05
C PRO A 461 -2.83 -7.37 2.81
N THR A 462 -1.51 -7.58 2.82
CA THR A 462 -0.81 -8.13 1.67
C THR A 462 0.26 -9.09 2.13
N MET A 463 0.19 -10.33 1.66
CA MET A 463 1.24 -11.31 1.87
C MET A 463 2.18 -11.29 0.67
N CYS A 464 3.48 -11.22 0.94
CA CYS A 464 4.49 -11.12 -0.10
C CYS A 464 5.19 -12.45 -0.30
N ASP A 465 5.70 -12.67 -1.52
CA ASP A 465 6.55 -13.81 -1.80
C ASP A 465 7.84 -13.64 -1.01
N ILE A 466 7.99 -14.40 0.07
CA ILE A 466 9.02 -14.09 1.05
C ILE A 466 10.41 -14.35 0.48
N ARG A 467 10.59 -15.46 -0.24
CA ARG A 467 11.90 -15.75 -0.81
C ARG A 467 12.29 -14.72 -1.88
N GLN A 468 11.34 -14.38 -2.75
CA GLN A 468 11.60 -13.36 -3.76
C GLN A 468 11.93 -12.02 -3.11
N LEU A 469 11.19 -11.66 -2.06
CA LEU A 469 11.48 -10.42 -1.36
C LEU A 469 12.83 -10.48 -0.67
N LEU A 470 13.25 -11.66 -0.21
CA LEU A 470 14.53 -11.78 0.48
C LEU A 470 15.69 -11.70 -0.50
N PHE A 471 15.48 -12.10 -1.75
CA PHE A 471 16.48 -11.82 -2.77
C PHE A 471 16.47 -10.35 -3.18
N VAL A 472 15.28 -9.77 -3.35
CA VAL A 472 15.17 -8.40 -3.82
C VAL A 472 15.74 -7.44 -2.80
N VAL A 473 15.60 -7.73 -1.51
CA VAL A 473 16.16 -6.85 -0.48
C VAL A 473 17.68 -6.83 -0.59
N GLU A 474 18.30 -7.99 -0.84
CA GLU A 474 19.74 -8.04 -1.03
C GLU A 474 20.15 -7.23 -2.26
N VAL A 475 19.42 -7.39 -3.36
CA VAL A 475 19.77 -6.66 -4.57
C VAL A 475 19.64 -5.15 -4.34
N VAL A 476 18.59 -4.73 -3.64
CA VAL A 476 18.40 -3.30 -3.37
C VAL A 476 19.49 -2.78 -2.45
N ASP A 477 19.91 -3.59 -1.47
CA ASP A 477 21.01 -3.18 -0.61
C ASP A 477 22.28 -3.01 -1.43
N LYS A 478 22.51 -3.90 -2.40
CA LYS A 478 23.66 -3.74 -3.29
C LYS A 478 23.56 -2.45 -4.08
N TYR A 479 22.36 -2.12 -4.58
CA TYR A 479 22.14 -0.79 -5.16
C TYR A 479 22.59 0.31 -4.21
N PHE A 480 22.20 0.19 -2.95
CA PHE A 480 22.47 1.24 -1.95
C PHE A 480 23.82 1.06 -1.27
N ASP A 481 24.69 0.19 -1.81
CA ASP A 481 25.97 -0.08 -1.18
C ASP A 481 26.93 1.10 -1.25
N CYS A 482 26.78 1.97 -2.25
CA CYS A 482 27.75 3.05 -2.45
C CYS A 482 27.75 4.06 -1.32
N TYR A 483 26.73 4.06 -0.46
CA TYR A 483 26.58 5.06 0.59
C TYR A 483 27.01 4.51 1.94
N ASP A 484 27.31 5.42 2.86
CA ASP A 484 27.72 5.06 4.22
C ASP A 484 27.05 5.99 5.21
N GLY A 485 26.85 5.50 6.42
CA GLY A 485 26.21 6.29 7.46
C GLY A 485 26.03 5.46 8.72
N GLY A 486 25.41 6.09 9.71
CA GLY A 486 25.16 5.43 10.97
C GLY A 486 24.56 6.39 11.97
N CYS A 487 24.33 5.87 13.17
CA CYS A 487 23.78 6.69 14.24
C CYS A 487 24.75 7.80 14.61
N ILE A 488 24.20 8.94 14.98
CA ILE A 488 24.97 10.12 15.36
C ILE A 488 24.36 10.71 16.62
N ASN A 489 25.04 11.71 17.18
CA ASN A 489 24.64 12.31 18.43
C ASN A 489 23.71 13.49 18.18
N ALA A 490 23.42 14.26 19.23
CA ALA A 490 22.59 15.46 19.11
C ALA A 490 23.39 16.68 18.67
N ASN A 491 24.72 16.59 18.64
CA ASN A 491 25.57 17.69 18.19
C ASN A 491 26.03 17.50 16.75
N GLN A 492 25.53 16.47 16.06
CA GLN A 492 25.89 16.21 14.68
C GLN A 492 24.72 16.31 13.71
N VAL A 493 23.49 16.28 14.19
CA VAL A 493 22.32 16.33 13.32
C VAL A 493 22.11 17.77 12.85
N ILE A 494 21.89 17.93 11.55
CA ILE A 494 21.61 19.24 10.96
C ILE A 494 20.09 19.38 10.84
N VAL A 495 19.55 20.45 11.39
CA VAL A 495 18.11 20.68 11.46
C VAL A 495 17.77 21.84 10.53
N ASN A 496 16.82 21.61 9.62
CA ASN A 496 16.36 22.61 8.69
C ASN A 496 14.85 22.76 8.81
N ASN A 497 14.35 23.96 8.54
CA ASN A 497 12.93 24.28 8.67
C ASN A 497 12.46 23.99 10.10
N LEU A 498 13.07 24.72 11.05
CA LEU A 498 12.72 24.55 12.45
C LEU A 498 11.28 24.94 12.74
N ASP A 499 10.63 25.66 11.82
CA ASP A 499 9.24 26.09 12.00
C ASP A 499 8.33 25.17 11.19
N LYS A 500 8.04 24.01 11.77
CA LYS A 500 7.15 23.03 11.16
C LYS A 500 6.31 22.36 12.24
N SER A 501 5.11 21.94 11.87
CA SER A 501 4.19 21.36 12.84
C SER A 501 4.82 20.17 13.54
N ALA A 502 4.65 20.13 14.86
CA ALA A 502 5.27 19.08 15.68
C ALA A 502 4.37 17.86 15.81
N GLY A 503 3.19 18.04 16.39
CA GLY A 503 2.28 16.91 16.60
C GLY A 503 1.03 17.40 17.29
N PHE A 504 0.13 16.45 17.55
CA PHE A 504 -1.16 16.84 18.11
C PHE A 504 -1.00 17.52 19.47
N PRO A 505 -0.52 16.83 20.51
CA PRO A 505 -0.38 17.53 21.80
C PRO A 505 0.66 18.64 21.76
N PHE A 506 1.56 18.62 20.78
CA PHE A 506 2.70 19.52 20.76
C PHE A 506 2.44 20.79 19.96
N ASN A 507 1.66 20.70 18.88
CA ASN A 507 1.36 21.92 18.11
C ASN A 507 0.57 22.93 18.91
N LYS A 508 -0.03 22.51 20.03
CA LYS A 508 -0.84 23.42 20.83
C LYS A 508 -0.03 24.56 21.41
N TRP A 509 1.28 24.40 21.58
CA TRP A 509 2.12 25.40 22.21
C TRP A 509 3.30 25.85 21.38
N GLY A 510 3.55 25.26 20.23
CA GLY A 510 4.66 25.68 19.40
C GLY A 510 4.92 24.69 18.29
N LYS A 511 6.07 24.86 17.65
CA LYS A 511 6.52 24.03 16.54
C LYS A 511 7.85 23.38 16.90
N ALA A 512 8.43 22.69 15.92
CA ALA A 512 9.66 21.93 16.17
C ALA A 512 10.76 22.81 16.73
N ARG A 513 10.77 24.10 16.39
CA ARG A 513 11.82 24.98 16.87
C ARG A 513 11.81 25.04 18.40
N LEU A 514 10.63 25.14 19.00
CA LEU A 514 10.54 25.25 20.46
C LEU A 514 11.12 24.01 21.13
N TYR A 515 10.78 22.83 20.61
CA TYR A 515 11.23 21.59 21.23
C TYR A 515 12.73 21.38 21.01
N TYR A 516 13.22 21.66 19.81
CA TYR A 516 14.66 21.54 19.58
C TYR A 516 15.46 22.58 20.34
N ASP A 517 14.83 23.70 20.73
CA ASP A 517 15.52 24.73 21.49
C ASP A 517 15.49 24.48 22.98
N SER A 518 14.74 23.47 23.45
CA SER A 518 14.63 23.16 24.87
C SER A 518 15.58 22.05 25.29
N MET A 519 15.51 20.90 24.62
CA MET A 519 16.37 19.77 24.95
C MET A 519 17.75 19.92 24.31
N GLN A 524 17.76 14.72 24.99
CA GLN A 524 17.61 14.36 23.58
C GLN A 524 18.40 13.09 23.28
N ASP A 525 19.69 13.09 23.65
CA ASP A 525 20.50 11.90 23.48
C ASP A 525 19.96 10.74 24.32
N ALA A 526 19.55 11.03 25.55
CA ALA A 526 18.94 9.99 26.38
C ALA A 526 17.64 9.50 25.77
N LEU A 527 16.83 10.42 25.23
CA LEU A 527 15.57 10.03 24.61
C LEU A 527 15.81 9.04 23.47
N PHE A 528 16.82 9.31 22.63
CA PHE A 528 17.18 8.35 21.59
C PHE A 528 17.65 7.04 22.19
N ALA A 529 18.46 7.11 23.24
CA ALA A 529 18.90 5.89 23.91
C ALA A 529 17.71 5.13 24.47
N TYR A 530 16.79 5.84 25.12
CA TYR A 530 15.57 5.20 25.60
C TYR A 530 14.75 4.63 24.45
N THR A 531 14.74 5.33 23.31
CA THR A 531 14.00 4.86 22.15
C THR A 531 14.48 3.51 21.66
N LYS A 532 15.72 3.13 22.00
CA LYS A 532 16.24 1.81 21.66
C LYS A 532 15.85 0.73 22.64
N ARG A 533 15.10 1.07 23.69
CA ARG A 533 14.72 0.11 24.72
C ARG A 533 13.22 0.06 24.98
N ASN A 534 12.41 0.80 24.21
CA ASN A 534 10.98 0.89 24.47
C ASN A 534 10.25 1.17 23.17
N VAL A 535 8.94 1.38 23.28
CA VAL A 535 8.07 1.74 22.17
C VAL A 535 7.30 2.99 22.56
N ILE A 536 7.24 3.96 21.66
CA ILE A 536 6.64 5.25 21.94
C ILE A 536 5.59 5.57 20.88
N PRO A 537 4.35 5.09 21.01
CA PRO A 537 3.32 5.46 20.05
C PRO A 537 3.04 6.96 20.08
N THR A 538 2.66 7.51 18.93
CA THR A 538 2.45 8.94 18.80
C THR A 538 1.21 9.20 17.95
N ILE A 539 0.78 10.46 17.94
CA ILE A 539 -0.40 10.92 17.22
C ILE A 539 0.02 12.00 16.23
N THR A 540 -0.60 11.99 15.06
CA THR A 540 -0.29 12.96 14.02
C THR A 540 -1.58 13.56 13.47
N GLN A 541 -1.56 14.87 13.23
CA GLN A 541 -2.70 15.57 12.66
C GLN A 541 -2.67 15.52 11.14
N MET A 542 -3.86 15.47 10.55
CA MET A 542 -4.03 15.48 9.09
C MET A 542 -4.83 16.72 8.73
N ASN A 543 -4.14 17.75 8.25
CA ASN A 543 -4.79 18.99 7.84
C ASN A 543 -5.09 18.94 6.35
N LEU A 544 -5.52 20.07 5.79
CA LEU A 544 -5.75 20.21 4.35
C LEU A 544 -4.80 21.27 3.81
N LYS A 545 -4.09 20.94 2.75
CA LYS A 545 -3.15 21.88 2.15
C LYS A 545 -3.86 22.77 1.13
N TYR A 546 -3.22 23.88 0.80
CA TYR A 546 -3.79 24.92 -0.05
C TYR A 546 -2.78 25.22 -1.15
N ALA A 547 -2.86 24.48 -2.25
CA ALA A 547 -1.90 24.58 -3.33
C ALA A 547 -2.62 24.44 -4.67
N ILE A 548 -1.98 24.95 -5.72
CA ILE A 548 -2.54 24.93 -7.06
C ILE A 548 -2.39 23.54 -7.65
N SER A 549 -3.43 23.08 -8.34
CA SER A 549 -3.40 21.77 -8.98
C SER A 549 -4.40 21.76 -10.13
N ALA A 550 -4.25 20.78 -11.01
CA ALA A 550 -5.11 20.65 -12.18
C ALA A 550 -6.33 19.78 -11.92
N LYS A 551 -6.50 19.27 -10.70
CA LYS A 551 -7.65 18.47 -10.33
C LYS A 551 -8.22 18.97 -9.02
N ASN A 552 -9.54 18.86 -8.87
CA ASN A 552 -10.23 19.41 -7.71
C ASN A 552 -10.13 18.51 -6.48
N ARG A 553 -9.56 17.32 -6.61
CA ARG A 553 -9.46 16.42 -5.47
C ARG A 553 -8.69 17.07 -4.33
N ALA A 554 -9.20 16.92 -3.11
CA ALA A 554 -8.55 17.53 -1.95
C ALA A 554 -7.23 16.83 -1.67
N ARG A 555 -6.28 17.60 -1.14
CA ARG A 555 -4.96 17.10 -0.82
C ARG A 555 -4.62 17.49 0.62
N THR A 556 -3.88 16.61 1.30
CA THR A 556 -3.64 16.72 2.73
C THR A 556 -2.14 16.72 3.03
N VAL A 557 -1.78 17.40 4.11
CA VAL A 557 -0.43 17.42 4.64
C VAL A 557 -0.48 16.97 6.09
N ALA A 558 0.36 15.99 6.44
CA ALA A 558 0.39 15.41 7.77
C ALA A 558 1.66 15.81 8.50
N GLY A 559 1.52 16.08 9.80
CA GLY A 559 2.66 16.39 10.64
C GLY A 559 2.93 15.31 11.67
N VAL A 560 4.02 14.59 11.51
CA VAL A 560 4.35 13.49 12.41
C VAL A 560 4.86 14.05 13.72
N SER A 561 4.57 13.33 14.82
CA SER A 561 4.87 13.83 16.15
C SER A 561 6.37 14.06 16.31
N ILE A 562 6.72 15.08 17.11
CA ILE A 562 8.12 15.44 17.29
C ILE A 562 8.90 14.29 17.91
N CYS A 563 8.26 13.49 18.77
CA CYS A 563 8.97 12.38 19.40
C CYS A 563 9.36 11.31 18.39
N SER A 564 8.83 11.35 17.18
CA SER A 564 9.22 10.41 16.12
C SER A 564 10.29 10.99 15.21
N THR A 565 10.11 12.22 14.73
CA THR A 565 11.12 12.83 13.87
C THR A 565 12.43 13.04 14.63
N MET A 566 12.35 13.44 15.89
CA MET A 566 13.56 13.68 16.67
C MET A 566 14.50 12.49 16.62
N THR A 567 13.95 11.28 16.75
CA THR A 567 14.78 10.08 16.76
C THR A 567 15.05 9.55 15.35
N ASN A 568 14.09 9.71 14.42
CA ASN A 568 14.33 9.24 13.05
C ASN A 568 15.49 10.01 12.42
N ARG A 569 15.60 11.30 12.70
CA ARG A 569 16.73 12.07 12.20
C ARG A 569 18.04 11.50 12.72
N GLN A 570 18.16 11.34 14.04
CA GLN A 570 19.39 10.79 14.59
C GLN A 570 19.68 9.41 14.00
N PHE A 571 18.65 8.65 13.67
CA PHE A 571 18.85 7.32 13.12
C PHE A 571 19.38 7.37 11.69
N HIS A 572 18.81 8.25 10.85
CA HIS A 572 18.97 8.12 9.41
C HIS A 572 19.69 9.26 8.71
N GLN A 573 19.89 10.42 9.36
CA GLN A 573 20.32 11.61 8.64
C GLN A 573 21.66 11.42 7.94
N LYS A 574 22.57 10.67 8.56
CA LYS A 574 23.87 10.46 7.93
C LYS A 574 23.71 9.77 6.57
N LEU A 575 22.94 8.68 6.55
CA LEU A 575 22.69 7.98 5.28
C LEU A 575 21.91 8.86 4.31
N LEU A 576 20.92 9.60 4.81
CA LEU A 576 20.13 10.45 3.93
C LEU A 576 21.01 11.48 3.24
N LYS A 577 21.89 12.14 3.99
CA LYS A 577 22.78 13.13 3.41
C LYS A 577 23.81 12.47 2.50
N SER A 578 24.23 11.24 2.83
CA SER A 578 25.14 10.53 1.94
C SER A 578 24.50 10.28 0.57
N ILE A 579 23.22 9.89 0.57
CA ILE A 579 22.53 9.68 -0.70
C ILE A 579 22.18 10.99 -1.37
N ALA A 580 22.01 12.06 -0.60
CA ALA A 580 21.63 13.35 -1.18
C ALA A 580 22.80 14.10 -1.78
N ALA A 581 24.03 13.69 -1.49
CA ALA A 581 25.23 14.37 -2.01
C ALA A 581 26.05 13.47 -2.92
N THR A 582 25.52 12.32 -3.33
CA THR A 582 26.22 11.41 -4.22
C THR A 582 25.75 11.65 -5.66
N ARG A 583 26.71 11.78 -6.57
CA ARG A 583 26.44 12.07 -7.97
C ARG A 583 26.74 10.84 -8.81
N GLY A 584 25.90 10.63 -9.83
CA GLY A 584 26.08 9.51 -10.73
C GLY A 584 25.50 8.20 -10.24
N ALA A 585 24.79 8.21 -9.11
CA ALA A 585 24.22 6.98 -8.56
C ALA A 585 22.89 6.67 -9.25
N THR A 586 22.26 5.58 -8.83
CA THR A 586 20.97 5.20 -9.41
C THR A 586 19.84 6.08 -8.89
N VAL A 587 19.97 6.63 -7.69
CA VAL A 587 19.01 7.58 -7.14
C VAL A 587 19.62 8.96 -7.22
N VAL A 588 18.86 9.91 -7.79
CA VAL A 588 19.39 11.24 -8.09
C VAL A 588 18.73 12.28 -7.20
N ILE A 589 18.34 11.89 -5.99
CA ILE A 589 17.76 12.84 -5.06
C ILE A 589 18.78 13.90 -4.72
N GLY A 590 18.37 15.17 -4.80
CA GLY A 590 19.24 16.28 -4.45
C GLY A 590 20.13 16.79 -5.57
N THR A 591 20.04 16.21 -6.77
CA THR A 591 20.86 16.65 -7.91
C THR A 591 20.17 17.82 -8.56
N SER A 592 20.65 19.03 -8.29
CA SER A 592 20.06 20.24 -8.85
C SER A 592 20.19 20.21 -10.37
N LYS A 593 19.09 20.54 -11.06
CA LYS A 593 19.08 20.51 -12.51
C LYS A 593 19.80 21.72 -13.11
N PHE A 594 20.05 22.76 -12.33
CA PHE A 594 20.77 23.91 -12.83
C PHE A 594 22.21 23.52 -13.19
N TYR A 595 22.87 24.42 -13.91
CA TYR A 595 24.29 24.28 -14.25
C TYR A 595 24.56 22.93 -14.92
N GLY A 596 23.70 22.59 -15.88
CA GLY A 596 23.92 21.39 -16.67
C GLY A 596 23.68 20.09 -15.93
N GLY A 597 23.13 20.15 -14.71
CA GLY A 597 22.90 18.92 -13.98
C GLY A 597 22.01 17.95 -14.73
N TRP A 598 20.98 18.48 -15.41
CA TRP A 598 20.09 17.61 -16.18
C TRP A 598 20.86 16.88 -17.27
N HIS A 599 21.77 17.58 -17.95
CA HIS A 599 22.55 16.95 -19.02
C HIS A 599 23.42 15.83 -18.46
N ASN A 600 24.07 16.07 -17.32
CA ASN A 600 24.91 15.04 -16.72
C ASN A 600 24.07 13.84 -16.29
N MET A 601 22.91 14.07 -15.69
CA MET A 601 22.05 12.97 -15.30
C MET A 601 21.59 12.16 -16.51
N LEU A 602 21.21 12.86 -17.59
CA LEU A 602 20.76 12.16 -18.79
C LEU A 602 21.88 11.33 -19.40
N LYS A 603 23.10 11.87 -19.43
CA LYS A 603 24.23 11.09 -19.94
C LYS A 603 24.52 9.89 -19.04
N THR A 604 24.42 10.08 -17.72
CA THR A 604 24.67 8.99 -16.79
C THR A 604 23.68 7.85 -17.01
N VAL A 605 22.39 8.16 -17.05
CA VAL A 605 21.40 7.11 -17.30
C VAL A 605 21.64 6.47 -18.66
N TYR A 606 22.19 7.23 -19.61
CA TYR A 606 22.63 6.71 -20.90
C TYR A 606 24.10 6.31 -20.84
N SER A 607 24.46 5.50 -19.84
CA SER A 607 25.83 5.06 -19.67
C SER A 607 26.26 4.20 -20.86
N ASP A 608 25.63 3.04 -21.01
CA ASP A 608 25.95 2.14 -22.11
C ASP A 608 24.79 1.16 -22.28
N VAL A 609 24.12 1.22 -23.42
CA VAL A 609 23.04 0.29 -23.72
C VAL A 609 23.07 0.02 -25.22
N GLU A 610 22.91 -1.26 -25.58
CA GLU A 610 23.04 -1.64 -26.98
C GLU A 610 21.93 -1.02 -27.84
N ASN A 611 20.70 -1.04 -27.34
CA ASN A 611 19.54 -0.51 -28.07
C ASN A 611 18.80 0.45 -27.16
N PRO A 612 19.38 1.61 -26.87
CA PRO A 612 18.80 2.49 -25.86
C PRO A 612 17.39 2.92 -26.19
N HIS A 613 16.55 2.98 -25.15
CA HIS A 613 15.20 3.54 -25.24
C HIS A 613 14.95 4.30 -23.94
N LEU A 614 13.70 4.68 -23.70
CA LEU A 614 13.32 5.33 -22.47
C LEU A 614 11.94 4.84 -22.05
N MET A 615 11.62 5.03 -20.77
CA MET A 615 10.35 4.58 -20.23
C MET A 615 10.13 5.22 -18.87
N GLY A 616 8.87 5.45 -18.55
CA GLY A 616 8.48 5.98 -17.25
C GLY A 616 7.21 5.33 -16.77
N TRP A 617 6.73 5.77 -15.61
CA TRP A 617 5.50 5.23 -15.04
C TRP A 617 5.08 6.10 -13.87
N ASP A 618 3.85 5.86 -13.41
CA ASP A 618 3.29 6.54 -12.25
C ASP A 618 2.59 5.52 -11.37
N TYR A 619 2.73 5.68 -10.07
CA TYR A 619 2.13 4.75 -9.11
C TYR A 619 0.76 5.27 -8.70
N PRO A 620 -0.33 4.52 -8.94
CA PRO A 620 -1.65 5.00 -8.52
C PRO A 620 -1.83 4.97 -7.01
N LYS A 621 -1.95 6.14 -6.38
CA LYS A 621 -2.11 6.24 -4.93
C LYS A 621 -0.96 5.55 -4.21
N CYS A 622 0.25 6.07 -4.43
CA CYS A 622 1.43 5.46 -3.84
C CYS A 622 1.38 5.51 -2.32
N ASP A 623 0.94 6.63 -1.77
CA ASP A 623 0.99 6.84 -0.32
C ASP A 623 -0.19 6.22 0.41
N ARG A 624 -1.16 5.65 -0.31
CA ARG A 624 -2.35 5.08 0.31
C ARG A 624 -2.59 3.63 -0.08
N ALA A 625 -1.65 3.00 -0.79
CA ALA A 625 -1.85 1.63 -1.22
C ALA A 625 -0.66 0.71 -1.05
N MET A 626 0.55 1.22 -0.85
CA MET A 626 1.71 0.35 -0.76
C MET A 626 1.63 -0.48 0.52
N PRO A 627 1.72 -1.80 0.45
CA PRO A 627 1.45 -2.63 1.63
C PRO A 627 2.44 -2.37 2.76
N ASN A 628 2.16 -3.00 3.90
CA ASN A 628 2.99 -2.81 5.09
C ASN A 628 4.33 -3.51 4.94
N MET A 629 4.34 -4.69 4.32
CA MET A 629 5.57 -5.46 4.22
C MET A 629 6.65 -4.71 3.45
N LEU A 630 6.27 -4.05 2.35
CA LEU A 630 7.24 -3.31 1.57
C LEU A 630 7.82 -2.14 2.37
N ARG A 631 6.97 -1.44 3.13
CA ARG A 631 7.47 -0.35 3.95
C ARG A 631 8.44 -0.86 5.03
N ILE A 632 8.10 -1.99 5.66
CA ILE A 632 8.99 -2.56 6.66
C ILE A 632 10.32 -2.96 6.02
N MET A 633 10.25 -3.56 4.83
CA MET A 633 11.48 -3.94 4.14
C MET A 633 12.34 -2.72 3.81
N ALA A 634 11.71 -1.64 3.35
CA ALA A 634 12.46 -0.42 3.07
C ALA A 634 13.11 0.12 4.32
N SER A 635 12.38 0.12 5.44
CA SER A 635 12.94 0.60 6.70
C SER A 635 14.12 -0.25 7.12
N LEU A 636 14.01 -1.57 6.98
CA LEU A 636 15.12 -2.45 7.33
C LEU A 636 16.32 -2.21 6.44
N VAL A 637 16.09 -2.02 5.14
CA VAL A 637 17.20 -1.76 4.21
C VAL A 637 17.91 -0.47 4.60
N LEU A 638 17.15 0.56 4.93
CA LEU A 638 17.76 1.84 5.30
C LEU A 638 18.53 1.76 6.61
N ALA A 639 18.39 0.68 7.37
CA ALA A 639 19.06 0.53 8.65
C ALA A 639 20.23 -0.43 8.62
N ARG A 640 20.57 -1.00 7.45
CA ARG A 640 21.68 -1.94 7.37
C ARG A 640 23.04 -1.27 7.49
N LYS A 641 23.11 0.03 7.73
CA LYS A 641 24.38 0.70 7.99
C LYS A 641 24.81 0.62 9.45
N HIS A 642 24.01 -0.02 10.30
CA HIS A 642 24.23 -0.03 11.74
C HIS A 642 24.79 -1.38 12.22
N THR A 643 25.47 -2.11 11.35
CA THR A 643 26.06 -3.38 11.76
C THR A 643 27.14 -3.20 12.82
N THR A 644 27.66 -1.98 12.97
CA THR A 644 28.70 -1.68 13.95
C THR A 644 28.22 -0.79 15.08
N CYS A 645 27.40 0.22 14.79
CA CYS A 645 26.97 1.17 15.81
C CYS A 645 25.88 0.62 16.72
N CYS A 646 25.11 -0.37 16.27
CA CYS A 646 23.99 -0.88 17.04
C CYS A 646 23.97 -2.40 17.01
N SER A 647 23.40 -2.99 18.05
CA SER A 647 23.24 -4.43 18.14
C SER A 647 21.94 -4.85 17.47
N LEU A 648 21.55 -6.11 17.65
CA LEU A 648 20.32 -6.60 17.02
C LEU A 648 19.08 -6.07 17.74
N SER A 649 19.09 -6.10 19.07
CA SER A 649 17.91 -5.68 19.83
C SER A 649 17.63 -4.20 19.63
N HIS A 650 18.69 -3.36 19.63
CA HIS A 650 18.49 -1.94 19.41
C HIS A 650 17.86 -1.68 18.05
N ARG A 651 18.33 -2.38 17.02
CA ARG A 651 17.76 -2.20 15.69
C ARG A 651 16.31 -2.68 15.64
N PHE A 652 16.00 -3.78 16.34
CA PHE A 652 14.63 -4.26 16.34
C PHE A 652 13.69 -3.27 17.02
N TYR A 653 14.10 -2.70 18.16
CA TYR A 653 13.26 -1.69 18.80
C TYR A 653 13.16 -0.43 17.96
N ARG A 654 14.22 -0.06 17.23
CA ARG A 654 14.10 1.06 16.30
C ARG A 654 13.06 0.76 15.21
N LEU A 655 13.07 -0.46 14.68
CA LEU A 655 12.08 -0.84 13.68
C LEU A 655 10.67 -0.81 14.27
N ALA A 656 10.52 -1.30 15.50
CA ALA A 656 9.21 -1.28 16.14
C ALA A 656 8.73 0.15 16.36
N ASN A 657 9.62 1.03 16.79
CA ASN A 657 9.28 2.44 16.94
C ASN A 657 8.79 3.01 15.61
N GLU A 658 9.54 2.76 14.53
CA GLU A 658 9.16 3.30 13.24
C GLU A 658 7.80 2.77 12.79
N CYS A 659 7.58 1.46 12.96
CA CYS A 659 6.31 0.87 12.54
C CYS A 659 5.15 1.44 13.34
N ALA A 660 5.33 1.59 14.66
CA ALA A 660 4.26 2.10 15.49
C ALA A 660 4.04 3.60 15.32
N GLN A 661 5.01 4.31 14.75
CA GLN A 661 4.95 5.77 14.67
C GLN A 661 4.61 6.32 13.30
N VAL A 662 4.94 5.62 12.21
CA VAL A 662 4.66 6.16 10.88
C VAL A 662 4.00 5.14 9.96
N LEU A 663 3.57 4.00 10.48
CA LEU A 663 2.88 3.01 9.67
C LEU A 663 1.47 2.69 10.16
N SER A 664 1.30 2.40 11.44
CA SER A 664 0.00 2.10 12.04
C SER A 664 -0.30 3.09 13.16
N GLU A 665 0.12 4.34 12.96
CA GLU A 665 -0.07 5.39 13.93
C GLU A 665 -1.56 5.68 14.12
N MET A 666 -1.85 6.61 15.03
CA MET A 666 -3.20 7.12 15.25
C MET A 666 -3.27 8.53 14.69
N VAL A 667 -4.32 8.82 13.94
CA VAL A 667 -4.47 10.09 13.22
C VAL A 667 -5.65 10.83 13.81
N MET A 668 -5.44 12.10 14.15
CA MET A 668 -6.49 12.98 14.64
C MET A 668 -6.96 13.85 13.49
N CYS A 669 -7.93 13.34 12.74
CA CYS A 669 -8.48 14.04 11.57
C CYS A 669 -9.74 14.76 12.01
N GLY A 670 -9.64 16.07 12.21
CA GLY A 670 -10.76 16.86 12.68
C GLY A 670 -10.74 17.05 14.18
N GLY A 671 -11.55 16.27 14.90
CA GLY A 671 -11.57 16.34 16.34
C GLY A 671 -11.76 14.98 16.99
N SER A 672 -11.51 13.91 16.24
CA SER A 672 -11.64 12.56 16.76
C SER A 672 -10.53 11.69 16.19
N LEU A 673 -10.15 10.67 16.94
CA LEU A 673 -9.00 9.82 16.61
C LEU A 673 -9.43 8.64 15.76
N TYR A 674 -8.65 8.34 14.73
CA TYR A 674 -8.82 7.16 13.90
C TYR A 674 -7.49 6.42 13.83
N VAL A 675 -7.57 5.11 13.64
CA VAL A 675 -6.37 4.29 13.49
C VAL A 675 -6.03 4.21 12.01
N LYS A 676 -4.79 4.56 11.68
CA LYS A 676 -4.34 4.58 10.29
C LYS A 676 -3.92 3.16 9.88
N PRO A 677 -4.64 2.52 8.95
CA PRO A 677 -4.31 1.14 8.61
C PRO A 677 -2.90 0.96 8.06
N GLY A 678 -2.39 1.95 7.31
CA GLY A 678 -1.07 1.81 6.72
C GLY A 678 -0.78 2.99 5.80
N GLY A 679 0.13 2.76 4.88
CA GLY A 679 0.51 3.78 3.92
C GLY A 679 1.57 4.71 4.46
N THR A 680 2.22 5.42 3.54
CA THR A 680 3.30 6.34 3.91
C THR A 680 2.74 7.53 4.68
N SER A 681 3.57 8.04 5.60
CA SER A 681 3.27 9.29 6.29
C SER A 681 3.95 10.41 5.53
N SER A 682 3.16 11.30 4.95
CA SER A 682 3.67 12.35 4.07
C SER A 682 4.42 13.45 4.81
N GLY A 683 4.70 13.32 6.11
CA GLY A 683 5.36 14.38 6.85
C GLY A 683 6.75 14.04 7.31
N ASP A 684 7.06 12.75 7.45
CA ASP A 684 8.37 12.34 7.91
C ASP A 684 9.42 12.59 6.83
N ALA A 685 10.66 12.82 7.27
CA ALA A 685 11.74 13.17 6.35
C ALA A 685 12.23 11.98 5.53
N THR A 686 11.84 10.76 5.88
CA THR A 686 12.32 9.56 5.19
C THR A 686 11.31 9.01 4.21
N THR A 687 10.29 9.80 3.83
CA THR A 687 9.30 9.31 2.88
C THR A 687 9.89 9.22 1.48
N ALA A 688 10.69 10.22 1.07
CA ALA A 688 11.26 10.21 -0.26
C ALA A 688 12.18 9.02 -0.46
N TYR A 689 13.09 8.78 0.49
CA TYR A 689 14.06 7.71 0.33
C TYR A 689 13.43 6.34 0.52
N ALA A 690 12.46 6.23 1.43
CA ALA A 690 11.72 4.97 1.55
C ALA A 690 10.97 4.67 0.27
N ASN A 691 10.37 5.70 -0.34
CA ASN A 691 9.69 5.51 -1.62
C ASN A 691 10.67 5.12 -2.71
N SER A 692 11.88 5.69 -2.69
CA SER A 692 12.91 5.29 -3.64
C SER A 692 13.26 3.82 -3.48
N VAL A 693 13.43 3.37 -2.23
CA VAL A 693 13.71 1.96 -1.99
C VAL A 693 12.56 1.10 -2.51
N PHE A 694 11.33 1.51 -2.23
CA PHE A 694 10.17 0.73 -2.69
C PHE A 694 10.11 0.67 -4.21
N ASN A 695 10.41 1.78 -4.88
CA ASN A 695 10.39 1.82 -6.34
C ASN A 695 11.48 0.92 -6.92
N ILE A 696 12.68 0.96 -6.34
CA ILE A 696 13.75 0.09 -6.83
C ILE A 696 13.38 -1.36 -6.59
N CYS A 697 12.74 -1.67 -5.46
CA CYS A 697 12.29 -3.04 -5.21
C CYS A 697 11.27 -3.46 -6.25
N GLN A 698 10.33 -2.58 -6.58
CA GLN A 698 9.33 -2.91 -7.60
C GLN A 698 9.99 -3.17 -8.95
N ALA A 699 10.96 -2.34 -9.32
CA ALA A 699 11.66 -2.55 -10.58
C ALA A 699 12.43 -3.87 -10.59
N VAL A 700 13.11 -4.17 -9.49
CA VAL A 700 13.89 -5.41 -9.42
C VAL A 700 12.98 -6.62 -9.48
N THR A 701 11.87 -6.59 -8.76
CA THR A 701 10.95 -7.72 -8.81
C THR A 701 10.29 -7.84 -10.18
N ALA A 702 10.06 -6.70 -10.87
CA ALA A 702 9.56 -6.76 -12.23
C ALA A 702 10.57 -7.46 -13.13
N ASN A 703 11.85 -7.12 -12.99
CA ASN A 703 12.88 -7.80 -13.78
C ASN A 703 12.93 -9.28 -13.44
N VAL A 704 12.79 -9.62 -12.15
CA VAL A 704 12.83 -11.02 -11.74
C VAL A 704 11.68 -11.80 -12.38
N ASN A 705 10.48 -11.23 -12.33
CA ASN A 705 9.32 -11.89 -12.93
C ASN A 705 9.48 -12.01 -14.44
N ALA A 706 9.98 -10.97 -15.09
CA ALA A 706 10.14 -11.02 -16.54
C ALA A 706 11.17 -12.08 -16.94
N LEU A 707 12.28 -12.15 -16.22
CA LEU A 707 13.33 -13.11 -16.57
C LEU A 707 12.91 -14.53 -16.24
N LEU A 708 12.34 -14.76 -15.05
CA LEU A 708 11.86 -16.08 -14.69
C LEU A 708 10.69 -16.50 -15.57
N SER A 709 9.75 -15.59 -15.82
CA SER A 709 8.60 -15.92 -16.66
C SER A 709 9.00 -16.09 -18.12
N THR A 710 10.16 -15.59 -18.52
CA THR A 710 10.63 -15.79 -19.88
C THR A 710 10.97 -17.26 -20.09
N ASP A 711 10.46 -17.83 -21.19
CA ASP A 711 10.73 -19.24 -21.48
C ASP A 711 12.21 -19.41 -21.77
N GLY A 712 12.94 -20.02 -20.82
CA GLY A 712 14.37 -20.16 -20.98
C GLY A 712 14.75 -21.00 -22.19
N ASN A 713 13.96 -22.03 -22.48
CA ASN A 713 14.27 -22.91 -23.60
C ASN A 713 14.42 -22.13 -24.89
N LYS A 714 13.70 -21.02 -25.02
CA LYS A 714 13.81 -20.17 -26.21
C LYS A 714 14.94 -19.16 -26.01
N ASP A 717 20.84 -17.81 -27.10
CA ASP A 717 21.74 -17.25 -26.10
C ASP A 717 21.88 -18.21 -24.93
N LYS A 718 23.00 -18.10 -24.21
CA LYS A 718 23.37 -19.04 -23.15
C LYS A 718 23.66 -18.37 -21.83
N TYR A 719 24.34 -17.22 -21.85
CA TYR A 719 24.69 -16.54 -20.61
C TYR A 719 23.43 -16.15 -19.84
N VAL A 720 22.42 -15.63 -20.54
CA VAL A 720 21.19 -15.23 -19.87
C VAL A 720 20.47 -16.45 -19.31
N ARG A 721 20.46 -17.55 -20.05
CA ARG A 721 19.80 -18.75 -19.56
C ARG A 721 20.47 -19.27 -18.29
N ASN A 722 21.80 -19.31 -18.28
CA ASN A 722 22.51 -19.73 -17.07
C ASN A 722 22.24 -18.76 -15.92
N LEU A 723 22.21 -17.46 -16.23
CA LEU A 723 21.96 -16.46 -15.19
C LEU A 723 20.59 -16.66 -14.57
N GLN A 724 19.57 -16.95 -15.38
CA GLN A 724 18.24 -17.15 -14.82
C GLN A 724 18.15 -18.48 -14.07
N HIS A 725 18.85 -19.51 -14.55
CA HIS A 725 18.92 -20.76 -13.79
C HIS A 725 19.47 -20.51 -12.39
N ARG A 726 20.58 -19.78 -12.30
CA ARG A 726 21.16 -19.50 -11.00
C ARG A 726 20.31 -18.53 -10.20
N LEU A 727 19.56 -17.66 -10.87
CA LEU A 727 18.62 -16.78 -10.17
C LEU A 727 17.54 -17.60 -9.48
N TYR A 728 16.94 -18.54 -10.20
CA TYR A 728 15.93 -19.41 -9.59
C TYR A 728 16.55 -20.22 -8.45
N GLU A 729 17.77 -20.72 -8.64
CA GLU A 729 18.42 -21.48 -7.59
C GLU A 729 18.60 -20.63 -6.33
N CYS A 730 19.06 -19.39 -6.50
CA CYS A 730 19.28 -18.54 -5.34
C CYS A 730 17.97 -18.11 -4.69
N LEU A 731 16.89 -18.02 -5.46
CA LEU A 731 15.61 -17.61 -4.87
C LEU A 731 14.95 -18.77 -4.12
N TYR A 732 14.60 -19.84 -4.83
CA TYR A 732 13.73 -20.87 -4.28
C TYR A 732 14.46 -22.17 -3.95
N ARG A 733 15.78 -22.20 -4.02
CA ARG A 733 16.55 -23.36 -3.60
C ARG A 733 17.51 -23.03 -2.47
N ASN A 734 18.28 -21.95 -2.60
CA ASN A 734 19.19 -21.57 -1.53
C ASN A 734 18.42 -21.01 -0.34
N ARG A 735 19.04 -21.11 0.84
CA ARG A 735 18.47 -20.61 2.07
C ARG A 735 19.33 -19.53 2.72
N ASP A 736 20.36 -19.04 2.02
CA ASP A 736 21.25 -18.05 2.58
C ASP A 736 21.76 -17.15 1.46
N VAL A 737 22.29 -15.99 1.83
CA VAL A 737 22.79 -15.05 0.84
C VAL A 737 23.90 -15.67 0.03
N ASP A 738 23.95 -15.32 -1.26
CA ASP A 738 25.01 -15.75 -2.18
C ASP A 738 25.54 -14.48 -2.84
N THR A 739 26.54 -13.87 -2.20
CA THR A 739 26.98 -12.54 -2.62
C THR A 739 27.50 -12.55 -4.06
N ASP A 740 28.08 -13.66 -4.52
CA ASP A 740 28.60 -13.69 -5.88
C ASP A 740 27.51 -13.46 -6.90
N PHE A 741 26.41 -14.21 -6.79
CA PHE A 741 25.32 -14.03 -7.75
C PHE A 741 24.62 -12.69 -7.54
N VAL A 742 24.59 -12.18 -6.31
CA VAL A 742 24.02 -10.86 -6.10
C VAL A 742 24.80 -9.81 -6.88
N ASN A 743 26.13 -9.87 -6.79
CA ASN A 743 26.97 -8.95 -7.56
C ASN A 743 26.77 -9.15 -9.05
N GLU A 744 26.70 -10.41 -9.49
CA GLU A 744 26.52 -10.67 -10.92
C GLU A 744 25.22 -10.06 -11.44
N PHE A 745 24.13 -10.27 -10.71
CA PHE A 745 22.84 -9.75 -11.15
C PHE A 745 22.81 -8.22 -11.07
N TYR A 746 23.43 -7.65 -10.05
CA TYR A 746 23.54 -6.20 -9.97
C TYR A 746 24.25 -5.63 -11.19
N ALA A 747 25.38 -6.24 -11.56
CA ALA A 747 26.11 -5.77 -12.74
C ALA A 747 25.28 -5.96 -14.01
N TYR A 748 24.58 -7.10 -14.11
CA TYR A 748 23.76 -7.36 -15.29
C TYR A 748 22.68 -6.29 -15.45
N LEU A 749 21.99 -5.95 -14.36
CA LEU A 749 20.98 -4.90 -14.44
C LEU A 749 21.60 -3.54 -14.72
N ARG A 750 22.67 -3.20 -14.01
CA ARG A 750 23.33 -1.92 -14.26
C ARG A 750 23.75 -1.78 -15.72
N LYS A 751 24.09 -2.89 -16.37
CA LYS A 751 24.50 -2.84 -17.76
C LYS A 751 23.30 -2.75 -18.70
N HIS A 752 22.45 -3.76 -18.69
CA HIS A 752 21.41 -3.90 -19.70
C HIS A 752 20.07 -3.28 -19.30
N PHE A 753 19.95 -2.72 -18.09
CA PHE A 753 18.72 -2.05 -17.69
C PHE A 753 19.10 -0.93 -16.73
N SER A 754 19.29 0.26 -17.28
CA SER A 754 19.60 1.42 -16.45
C SER A 754 18.33 2.06 -15.91
N MET A 755 18.49 2.88 -14.89
CA MET A 755 17.34 3.59 -14.34
C MET A 755 17.83 4.80 -13.57
N MET A 756 16.95 5.79 -13.44
CA MET A 756 17.19 7.00 -12.67
C MET A 756 15.99 7.20 -11.76
N ILE A 757 16.23 7.14 -10.45
CA ILE A 757 15.16 6.99 -9.47
C ILE A 757 15.08 8.22 -8.60
N LEU A 758 13.88 8.79 -8.49
CA LEU A 758 13.55 9.77 -7.47
C LEU A 758 12.16 9.40 -6.97
N SER A 759 11.93 9.57 -5.67
CA SER A 759 10.77 8.99 -4.99
C SER A 759 9.52 9.05 -5.86
N ASP A 760 8.96 7.88 -6.16
CA ASP A 760 7.73 7.76 -6.95
C ASP A 760 7.85 8.51 -8.28
N ASP A 761 9.04 8.47 -8.88
CA ASP A 761 9.24 9.10 -10.20
C ASP A 761 10.53 8.56 -10.77
N ALA A 762 10.45 7.79 -11.85
CA ALA A 762 11.59 7.07 -12.38
C ALA A 762 11.70 7.23 -13.88
N VAL A 763 12.94 7.11 -14.37
CA VAL A 763 13.23 7.02 -15.80
C VAL A 763 14.11 5.80 -16.00
N VAL A 764 13.97 5.18 -17.17
CA VAL A 764 14.70 3.97 -17.52
C VAL A 764 15.40 4.17 -18.84
N CYS A 765 16.51 3.45 -19.03
CA CYS A 765 17.22 3.39 -20.31
C CYS A 765 17.59 1.92 -20.50
N PHE A 766 16.72 1.17 -21.17
CA PHE A 766 16.78 -0.28 -21.21
C PHE A 766 17.06 -0.77 -22.62
N ASN A 767 17.88 -1.81 -22.73
CA ASN A 767 18.16 -2.43 -24.01
C ASN A 767 16.85 -2.91 -24.64
N SER A 768 16.47 -2.29 -25.77
CA SER A 768 15.15 -2.55 -26.34
C SER A 768 15.02 -3.99 -26.82
N THR A 769 16.08 -4.54 -27.41
CA THR A 769 16.00 -5.91 -27.92
C THR A 769 15.77 -6.91 -26.79
N TYR A 770 16.43 -6.71 -25.65
CA TYR A 770 16.21 -7.58 -24.51
C TYR A 770 14.76 -7.54 -24.05
N ALA A 771 14.23 -6.33 -23.87
CA ALA A 771 12.84 -6.19 -23.44
C ALA A 771 11.89 -6.83 -24.44
N SER A 772 12.18 -6.68 -25.74
CA SER A 772 11.38 -7.36 -26.75
C SER A 772 11.44 -8.87 -26.57
N GLN A 773 12.63 -9.40 -26.27
CA GLN A 773 12.77 -10.81 -25.96
C GLN A 773 12.36 -11.15 -24.53
N GLY A 774 12.09 -10.14 -23.70
CA GLY A 774 11.64 -10.40 -22.34
C GLY A 774 12.73 -10.69 -21.35
N LEU A 775 13.96 -10.25 -21.62
CA LEU A 775 15.08 -10.46 -20.72
C LEU A 775 15.27 -9.32 -19.73
N VAL A 776 14.45 -8.28 -19.81
CA VAL A 776 14.46 -7.19 -18.84
C VAL A 776 13.03 -6.74 -18.61
N ALA A 777 12.84 -5.75 -17.72
CA ALA A 777 11.51 -5.35 -17.30
C ALA A 777 10.83 -4.54 -18.39
N SER A 778 9.73 -5.06 -18.93
CA SER A 778 8.85 -4.29 -19.80
C SER A 778 7.91 -3.46 -18.95
N ILE A 779 6.88 -2.88 -19.55
CA ILE A 779 5.89 -2.09 -18.83
C ILE A 779 4.75 -2.95 -18.33
N LYS A 780 4.34 -3.97 -19.10
CA LYS A 780 3.35 -4.90 -18.62
C LYS A 780 3.84 -5.63 -17.36
N ASN A 781 5.15 -5.83 -17.24
CA ASN A 781 5.69 -6.41 -16.02
C ASN A 781 5.41 -5.52 -14.82
N PHE A 782 5.63 -4.21 -14.97
CA PHE A 782 5.30 -3.28 -13.89
C PHE A 782 3.81 -3.32 -13.60
N LYS A 783 2.99 -3.36 -14.64
CA LYS A 783 1.54 -3.42 -14.43
C LYS A 783 1.17 -4.63 -13.58
N SER A 784 1.65 -5.81 -13.94
CA SER A 784 1.30 -7.03 -13.22
C SER A 784 1.84 -7.00 -11.79
N VAL A 785 3.08 -6.55 -11.62
CA VAL A 785 3.67 -6.48 -10.29
C VAL A 785 2.84 -5.58 -9.39
N LEU A 786 2.47 -4.40 -9.89
CA LEU A 786 1.64 -3.51 -9.09
C LEU A 786 0.30 -4.15 -8.79
N TYR A 787 -0.30 -4.82 -9.78
CA TYR A 787 -1.61 -5.42 -9.56
C TYR A 787 -1.56 -6.43 -8.42
N TYR A 788 -0.57 -7.32 -8.43
CA TYR A 788 -0.60 -8.42 -7.47
C TYR A 788 0.18 -8.13 -6.18
N GLN A 789 0.90 -7.01 -6.10
CA GLN A 789 1.70 -6.71 -4.92
C GLN A 789 1.38 -5.35 -4.31
N ASN A 790 0.48 -4.58 -4.90
CA ASN A 790 0.12 -3.27 -4.37
C ASN A 790 -1.38 -3.03 -4.31
N ASN A 791 -2.20 -3.90 -4.90
CA ASN A 791 -3.65 -3.80 -4.87
C ASN A 791 -4.17 -2.56 -5.60
N VAL A 792 -3.41 -2.07 -6.57
CA VAL A 792 -3.85 -0.94 -7.39
C VAL A 792 -3.79 -1.36 -8.86
N PHE A 793 -4.15 -0.45 -9.76
CA PHE A 793 -4.10 -0.69 -11.18
C PHE A 793 -3.42 0.50 -11.85
N MET A 794 -2.34 0.24 -12.57
CA MET A 794 -1.60 1.29 -13.27
C MET A 794 -2.12 1.39 -14.69
N SER A 795 -2.71 2.53 -15.02
CA SER A 795 -3.24 2.74 -16.36
C SER A 795 -2.11 2.91 -17.36
N GLU A 796 -2.18 2.18 -18.47
CA GLU A 796 -1.15 2.29 -19.50
C GLU A 796 -1.15 3.64 -20.18
N ALA A 797 -2.18 4.47 -19.97
CA ALA A 797 -2.19 5.82 -20.51
C ALA A 797 -1.39 6.80 -19.66
N LYS A 798 -1.00 6.42 -18.45
CA LYS A 798 -0.23 7.30 -17.56
C LYS A 798 1.26 6.99 -17.58
N CYS A 799 1.71 6.06 -18.43
CA CYS A 799 3.11 5.73 -18.58
C CYS A 799 3.50 5.84 -20.05
N TRP A 800 4.68 6.40 -20.30
CA TRP A 800 5.11 6.76 -21.64
C TRP A 800 6.31 5.91 -22.07
N THR A 801 6.74 6.11 -23.31
CA THR A 801 7.93 5.45 -23.83
C THR A 801 8.43 6.24 -25.04
N GLU A 802 9.65 6.76 -24.94
CA GLU A 802 10.27 7.55 -26.00
C GLU A 802 11.40 6.74 -26.62
N THR A 803 11.29 6.44 -27.91
CA THR A 803 12.27 5.61 -28.59
C THR A 803 13.45 6.39 -29.16
N ASP A 804 13.29 7.70 -29.35
CA ASP A 804 14.33 8.53 -29.95
C ASP A 804 15.07 9.27 -28.83
N LEU A 805 16.29 8.82 -28.54
CA LEU A 805 17.04 9.40 -27.43
C LEU A 805 17.37 10.87 -27.66
N THR A 806 17.47 11.30 -28.92
CA THR A 806 17.74 12.71 -29.19
C THR A 806 16.71 13.61 -28.53
N LYS A 807 15.49 13.12 -28.36
CA LYS A 807 14.48 13.76 -27.52
C LYS A 807 14.32 12.86 -26.29
N GLY A 808 14.78 13.36 -25.15
CA GLY A 808 14.88 12.55 -23.95
C GLY A 808 13.53 12.19 -23.37
N PRO A 809 13.48 11.92 -22.06
CA PRO A 809 12.23 11.45 -21.46
C PRO A 809 11.11 12.46 -21.59
N HIS A 810 9.90 11.95 -21.83
CA HIS A 810 8.74 12.81 -22.04
C HIS A 810 8.40 13.60 -20.78
N GLU A 811 8.50 12.98 -19.61
CA GLU A 811 8.06 13.61 -18.38
C GLU A 811 8.81 12.99 -17.21
N PHE A 812 9.50 13.82 -16.43
CA PHE A 812 10.21 13.36 -15.25
C PHE A 812 10.28 14.52 -14.25
N CYS A 813 9.79 14.29 -13.04
CA CYS A 813 9.73 15.33 -12.01
C CYS A 813 8.92 16.53 -12.49
N SER A 814 7.86 16.24 -13.25
CA SER A 814 7.00 17.27 -13.83
C SER A 814 7.82 18.23 -14.69
N GLN A 815 8.75 17.69 -15.47
CA GLN A 815 9.58 18.48 -16.36
C GLN A 815 9.67 17.78 -17.72
N HIS A 816 9.90 18.59 -18.76
CA HIS A 816 10.12 18.09 -20.11
C HIS A 816 11.55 18.43 -20.54
N THR A 817 12.00 17.74 -21.58
CA THR A 817 13.37 17.87 -22.06
C THR A 817 13.39 18.24 -23.53
N MET A 818 14.31 19.13 -23.90
CA MET A 818 14.47 19.59 -25.27
C MET A 818 15.95 19.63 -25.61
N LEU A 819 16.32 18.97 -26.70
CA LEU A 819 17.72 18.91 -27.13
C LEU A 819 18.02 20.16 -27.95
N VAL A 820 18.81 21.07 -27.37
CA VAL A 820 19.11 22.34 -28.00
C VAL A 820 20.60 22.41 -28.32
N LYS A 821 21.04 23.50 -28.94
CA LYS A 821 22.44 23.73 -29.28
C LYS A 821 22.98 24.87 -28.44
N GLN A 822 24.19 24.68 -27.91
CA GLN A 822 24.84 25.70 -27.10
C GLN A 822 26.35 25.67 -27.30
N TYR A 826 25.58 20.54 -28.16
CA TYR A 826 24.20 20.07 -28.08
C TYR A 826 23.93 19.43 -26.73
N VAL A 827 23.03 20.04 -25.96
CA VAL A 827 22.76 19.63 -24.59
C VAL A 827 21.26 19.56 -24.37
N TYR A 828 20.88 18.87 -23.30
CA TYR A 828 19.49 18.75 -22.89
C TYR A 828 19.14 19.87 -21.90
N LEU A 829 17.89 20.32 -21.97
CA LEU A 829 17.43 21.40 -21.10
C LEU A 829 16.07 21.02 -20.48
N PRO A 830 15.84 21.34 -19.20
CA PRO A 830 14.52 21.08 -18.61
C PRO A 830 13.55 22.23 -18.82
N TYR A 831 12.45 21.99 -19.53
CA TYR A 831 11.44 23.01 -19.75
C TYR A 831 10.09 22.54 -19.21
N PRO A 832 9.37 23.37 -18.45
CA PRO A 832 8.09 22.92 -17.87
C PRO A 832 6.91 23.08 -18.81
N ASP A 833 5.72 22.78 -18.31
CA ASP A 833 4.50 22.97 -19.09
C ASP A 833 4.10 24.44 -19.06
N PRO A 834 3.93 25.10 -20.22
CA PRO A 834 3.56 26.52 -20.18
C PRO A 834 2.24 26.78 -19.48
N SER A 835 1.29 25.86 -19.56
CA SER A 835 0.01 26.06 -18.90
C SER A 835 0.19 26.16 -17.39
N ARG A 836 1.02 25.30 -16.81
CA ARG A 836 1.27 25.37 -15.37
C ARG A 836 1.92 26.70 -15.00
N ILE A 837 2.88 27.15 -15.81
CA ILE A 837 3.56 28.42 -15.53
C ILE A 837 2.56 29.56 -15.54
N LEU A 838 1.71 29.61 -16.58
CA LEU A 838 0.72 30.68 -16.66
C LEU A 838 -0.27 30.62 -15.50
N GLY A 839 -0.73 29.41 -15.14
CA GLY A 839 -1.65 29.28 -14.03
C GLY A 839 -1.04 29.76 -12.73
N ALA A 840 0.20 29.35 -12.45
CA ALA A 840 0.88 29.79 -11.24
C ALA A 840 1.06 31.30 -11.24
N GLY A 841 1.34 31.89 -12.40
CA GLY A 841 1.47 33.34 -12.46
C GLY A 841 0.16 34.05 -12.19
N CYS A 842 -0.95 33.55 -12.76
CA CYS A 842 -2.22 34.24 -12.64
C CYS A 842 -2.74 34.25 -11.21
N PHE A 843 -2.77 33.08 -10.57
CA PHE A 843 -3.37 32.90 -9.25
C PHE A 843 -2.26 32.71 -8.23
N VAL A 844 -2.02 33.73 -7.41
CA VAL A 844 -1.03 33.69 -6.35
C VAL A 844 -1.73 33.96 -5.03
N ASP A 845 -1.51 33.07 -4.05
CA ASP A 845 -2.17 33.20 -2.76
C ASP A 845 -1.72 34.48 -2.07
N ASP A 846 -2.36 34.77 -0.93
CA ASP A 846 -2.05 35.96 -0.14
C ASP A 846 -0.58 36.01 0.21
N ILE A 847 -0.09 37.17 0.61
CA ILE A 847 1.33 37.38 0.89
C ILE A 847 2.13 37.10 -0.37
N MET A 855 8.49 39.61 -2.96
CA MET A 855 7.38 38.96 -3.63
C MET A 855 7.76 38.56 -5.05
N ILE A 856 8.58 39.39 -5.69
CA ILE A 856 8.97 39.14 -7.07
C ILE A 856 9.77 37.85 -7.21
N GLU A 857 10.32 37.34 -6.11
CA GLU A 857 11.13 36.12 -6.19
C GLU A 857 10.37 34.98 -6.83
N ARG A 858 9.05 34.91 -6.64
CA ARG A 858 8.26 33.89 -7.32
C ARG A 858 8.34 34.06 -8.83
N PHE A 859 8.22 35.30 -9.31
CA PHE A 859 8.31 35.55 -10.75
C PHE A 859 9.71 35.28 -11.27
N VAL A 860 10.73 35.61 -10.48
CA VAL A 860 12.11 35.31 -10.88
C VAL A 860 12.30 33.81 -11.01
N SER A 861 11.78 33.05 -10.05
CA SER A 861 11.89 31.58 -10.13
C SER A 861 11.15 31.05 -11.34
N LEU A 862 9.95 31.59 -11.62
CA LEU A 862 9.20 31.14 -12.79
C LEU A 862 9.97 31.43 -14.07
N ALA A 863 10.59 32.61 -14.16
CA ALA A 863 11.39 32.93 -15.33
C ALA A 863 12.59 32.00 -15.45
N ILE A 864 13.25 31.70 -14.33
CA ILE A 864 14.38 30.79 -14.34
C ILE A 864 13.96 29.43 -14.88
N ASP A 865 12.83 28.92 -14.39
CA ASP A 865 12.29 27.67 -14.89
C ASP A 865 11.70 27.82 -16.29
N ALA A 866 11.41 29.05 -16.72
CA ALA A 866 10.80 29.30 -18.02
C ALA A 866 11.80 29.64 -19.11
N TYR A 867 13.05 29.95 -18.76
CA TYR A 867 14.03 30.30 -19.78
C TYR A 867 14.20 29.19 -20.82
N PRO A 868 14.28 27.91 -20.46
CA PRO A 868 14.48 26.88 -21.49
C PRO A 868 13.36 26.82 -22.52
N LEU A 869 12.18 27.35 -22.21
CA LEU A 869 11.12 27.40 -23.21
C LEU A 869 11.52 28.26 -24.40
N THR A 870 12.43 29.21 -24.20
CA THR A 870 12.80 30.13 -25.27
C THR A 870 13.29 29.40 -26.51
N LYS A 871 13.93 28.24 -26.32
CA LYS A 871 14.49 27.48 -27.43
C LYS A 871 13.51 26.47 -28.00
N HIS A 872 12.27 26.46 -27.53
CA HIS A 872 11.28 25.53 -28.04
C HIS A 872 10.95 25.86 -29.50
N PRO A 873 10.73 24.85 -30.35
CA PRO A 873 10.36 25.17 -31.75
C PRO A 873 9.12 26.03 -31.86
N ASN A 874 8.13 25.83 -30.99
CA ASN A 874 6.92 26.63 -31.04
C ASN A 874 7.22 28.08 -30.65
N GLN A 875 6.50 29.00 -31.29
CA GLN A 875 6.71 30.43 -31.03
C GLN A 875 5.94 30.91 -29.82
N GLU A 876 4.71 30.42 -29.61
CA GLU A 876 3.94 30.83 -28.44
C GLU A 876 4.66 30.45 -27.16
N TYR A 877 5.22 29.25 -27.11
CA TYR A 877 5.98 28.82 -25.94
C TYR A 877 7.12 29.80 -25.65
N ALA A 878 7.84 30.20 -26.69
CA ALA A 878 8.95 31.14 -26.50
C ALA A 878 8.46 32.46 -25.93
N ASP A 879 7.29 32.92 -26.39
CA ASP A 879 6.75 34.19 -25.91
C ASP A 879 6.49 34.16 -24.41
N VAL A 880 6.34 32.98 -23.82
CA VAL A 880 6.02 32.90 -22.39
C VAL A 880 7.14 33.52 -21.57
N PHE A 881 8.39 33.16 -21.86
CA PHE A 881 9.51 33.68 -21.08
C PHE A 881 9.62 35.19 -21.20
N HIS A 882 9.46 35.73 -22.42
CA HIS A 882 9.57 37.17 -22.61
C HIS A 882 8.50 37.90 -21.82
N LEU A 883 7.28 37.38 -21.81
CA LEU A 883 6.20 38.00 -21.03
C LEU A 883 6.63 38.17 -19.58
N TYR A 884 7.19 37.11 -18.99
CA TYR A 884 7.65 37.22 -17.60
C TYR A 884 8.76 38.25 -17.46
N LEU A 885 9.73 38.23 -18.38
CA LEU A 885 10.81 39.21 -18.31
C LEU A 885 10.28 40.63 -18.46
N GLN A 886 9.37 40.85 -19.42
CA GLN A 886 8.76 42.16 -19.56
C GLN A 886 7.99 42.54 -18.31
N TYR A 887 7.22 41.60 -17.75
CA TYR A 887 6.47 41.87 -16.54
C TYR A 887 7.41 42.15 -15.36
N ILE A 888 8.50 41.40 -15.26
CA ILE A 888 9.43 41.59 -14.15
C ILE A 888 10.01 43.00 -14.17
N ARG A 889 10.39 43.49 -15.35
CA ARG A 889 10.92 44.84 -15.46
C ARG A 889 9.87 45.87 -15.05
N LYS A 890 8.60 45.61 -15.37
CA LYS A 890 7.54 46.51 -14.93
C LYS A 890 7.51 46.63 -13.41
N LEU A 891 7.86 45.56 -12.70
CA LEU A 891 7.88 45.58 -11.25
C LEU A 891 9.03 46.46 -10.73
N GLU A 917 17.35 40.77 -17.91
CA GLU A 917 18.53 40.34 -18.65
C GLU A 917 18.49 38.83 -18.90
N PRO A 918 18.34 38.42 -20.16
CA PRO A 918 18.33 36.97 -20.44
C PRO A 918 19.65 36.30 -20.12
N GLU A 919 20.74 37.05 -20.01
CA GLU A 919 22.03 36.44 -19.68
C GLU A 919 22.00 35.81 -18.29
N PHE A 920 21.35 36.48 -17.34
CA PHE A 920 21.28 35.92 -15.98
C PHE A 920 20.51 34.60 -15.97
N TYR A 921 19.40 34.52 -16.70
CA TYR A 921 18.61 33.31 -16.76
C TYR A 921 19.20 32.26 -17.71
N GLU A 922 20.21 32.63 -18.50
CA GLU A 922 20.94 31.67 -19.31
C GLU A 922 22.14 31.09 -18.57
N ALA A 923 22.72 31.87 -17.66
CA ALA A 923 23.90 31.40 -16.94
C ALA A 923 23.60 30.15 -16.13
N MET A 924 22.35 29.91 -15.77
CA MET A 924 21.97 28.79 -14.94
C MET A 924 21.79 27.49 -15.73
N TYR A 925 22.31 27.43 -16.95
CA TYR A 925 22.26 26.20 -17.72
C TYR A 925 23.57 25.90 -18.44
N THR A 926 24.58 26.75 -18.32
CA THR A 926 25.91 26.45 -18.85
C THR A 926 26.72 25.75 -17.77
N PRO A 927 27.18 24.51 -17.99
CA PRO A 927 27.82 23.77 -16.89
C PRO A 927 29.20 24.30 -16.53
N HIS A 928 29.27 25.03 -15.42
CA HIS A 928 30.54 25.50 -14.86
C HIS A 928 30.38 25.77 -13.35
N ALA B 81 10.50 26.32 29.69
CA ALA B 81 9.85 26.08 30.98
C ALA B 81 8.34 26.19 30.84
N LYS B 82 7.89 27.06 29.94
CA LYS B 82 6.46 27.24 29.75
C LYS B 82 5.81 25.96 29.24
N VAL B 83 6.47 25.25 28.33
CA VAL B 83 5.92 24.00 27.82
C VAL B 83 5.81 22.97 28.93
N THR B 84 6.77 22.97 29.86
CA THR B 84 6.74 21.99 30.94
C THR B 84 5.51 22.17 31.81
N SER B 85 5.26 23.40 32.27
CA SER B 85 4.10 23.64 33.11
C SER B 85 2.80 23.36 32.36
N ALA B 86 2.70 23.81 31.11
CA ALA B 86 1.49 23.57 30.34
C ALA B 86 1.27 22.09 30.09
N MET B 87 2.35 21.35 29.83
CA MET B 87 2.22 19.93 29.53
C MET B 87 1.59 19.18 30.70
N GLN B 88 2.14 19.35 31.90
CA GLN B 88 1.63 18.61 33.05
C GLN B 88 0.21 19.04 33.41
N THR B 89 -0.07 20.34 33.36
CA THR B 89 -1.42 20.80 33.67
C THR B 89 -2.45 20.13 32.75
N MET B 90 -2.09 19.96 31.48
CA MET B 90 -2.95 19.21 30.58
C MET B 90 -3.09 17.76 31.02
N LEU B 91 -2.02 17.19 31.58
CA LEU B 91 -2.09 15.81 32.06
C LEU B 91 -2.99 15.70 33.29
N PHE B 92 -2.81 16.61 34.26
CA PHE B 92 -3.59 16.53 35.48
C PHE B 92 -5.08 16.76 35.21
N THR B 93 -5.40 17.86 34.51
CA THR B 93 -6.81 18.18 34.26
C THR B 93 -7.48 17.13 33.38
N MET B 94 -6.70 16.31 32.68
CA MET B 94 -7.22 15.27 31.81
C MET B 94 -7.38 13.94 32.51
N LEU B 95 -6.98 13.85 33.78
CA LEU B 95 -7.17 12.63 34.56
C LEU B 95 -8.48 12.63 35.32
N ARG B 96 -9.02 13.80 35.64
CA ARG B 96 -10.27 13.87 36.39
C ARG B 96 -11.46 13.33 35.61
N LYS B 97 -11.32 13.12 34.30
CA LYS B 97 -12.38 12.58 33.47
C LYS B 97 -12.23 11.08 33.25
N LEU B 98 -11.26 10.43 33.90
CA LEU B 98 -10.98 9.03 33.63
C LEU B 98 -11.99 8.09 34.27
N ASP B 99 -12.76 8.54 35.26
CA ASP B 99 -13.73 7.70 35.94
C ASP B 99 -13.03 6.49 36.58
N ASN B 100 -12.20 6.80 37.57
CA ASN B 100 -11.37 5.78 38.20
C ASN B 100 -12.17 4.57 38.64
N ASP B 101 -13.36 4.80 39.21
CA ASP B 101 -14.16 3.68 39.71
C ASP B 101 -14.52 2.72 38.59
N ALA B 102 -15.04 3.25 37.48
CA ALA B 102 -15.38 2.39 36.35
C ALA B 102 -14.14 1.88 35.62
N LEU B 103 -13.02 2.57 35.74
CA LEU B 103 -11.79 2.14 35.09
C LEU B 103 -11.04 1.12 35.93
N ASN B 104 -11.08 1.27 37.26
CA ASN B 104 -10.34 0.36 38.13
C ASN B 104 -10.85 -1.07 37.97
N ASN B 105 -12.17 -1.24 37.87
CA ASN B 105 -12.72 -2.59 37.74
C ASN B 105 -12.23 -3.26 36.46
N ILE B 106 -12.28 -2.53 35.34
CA ILE B 106 -11.91 -3.14 34.06
C ILE B 106 -10.42 -3.42 34.02
N ILE B 107 -9.60 -2.53 34.60
CA ILE B 107 -8.16 -2.78 34.64
C ILE B 107 -7.85 -3.99 35.52
N ASN B 108 -8.46 -4.06 36.70
CA ASN B 108 -8.19 -5.16 37.63
C ASN B 108 -8.71 -6.48 37.11
N ASN B 109 -9.73 -6.48 36.25
CA ASN B 109 -10.21 -7.72 35.67
C ASN B 109 -9.21 -8.36 34.72
N ALA B 110 -8.16 -7.65 34.34
CA ALA B 110 -7.16 -8.18 33.42
C ALA B 110 -6.29 -9.23 34.11
N ARG B 111 -5.73 -10.13 33.30
CA ARG B 111 -4.87 -11.18 33.84
C ARG B 111 -3.63 -10.59 34.49
N ASP B 112 -3.00 -9.60 33.86
CA ASP B 112 -1.75 -9.03 34.35
C ASP B 112 -1.76 -7.51 34.38
N GLY B 113 -2.93 -6.89 34.31
CA GLY B 113 -3.03 -5.44 34.35
C GLY B 113 -2.81 -4.74 33.02
N CYS B 114 -2.65 -5.49 31.93
CA CYS B 114 -2.49 -4.92 30.60
C CYS B 114 -3.76 -5.17 29.79
N VAL B 115 -4.33 -4.10 29.25
CA VAL B 115 -5.52 -4.20 28.41
C VAL B 115 -5.28 -3.39 27.14
N PRO B 116 -5.86 -3.78 26.01
CA PRO B 116 -5.72 -2.95 24.80
C PRO B 116 -6.30 -1.56 25.03
N LEU B 117 -5.65 -0.55 24.45
CA LEU B 117 -6.12 0.82 24.59
C LEU B 117 -7.46 1.05 23.92
N ASN B 118 -7.79 0.24 22.91
CA ASN B 118 -9.01 0.49 22.14
C ASN B 118 -10.26 0.31 22.99
N ILE B 119 -10.26 -0.68 23.88
CA ILE B 119 -11.48 -1.08 24.58
C ILE B 119 -11.68 -0.24 25.84
N ILE B 120 -10.82 0.73 26.09
CA ILE B 120 -10.94 1.55 27.29
C ILE B 120 -12.20 2.40 27.18
N PRO B 121 -12.31 3.32 26.22
CA PRO B 121 -13.56 4.07 26.08
C PRO B 121 -14.74 3.20 25.72
N LEU B 122 -14.51 2.10 24.99
CA LEU B 122 -15.62 1.25 24.57
C LEU B 122 -16.41 0.72 25.76
N THR B 123 -15.78 0.60 26.92
CA THR B 123 -16.41 0.03 28.10
C THR B 123 -16.42 0.96 29.31
N THR B 124 -15.74 2.10 29.26
CA THR B 124 -15.70 3.04 30.37
C THR B 124 -15.94 4.46 29.87
N ALA B 125 -16.96 4.62 29.03
CA ALA B 125 -17.32 5.92 28.48
C ALA B 125 -18.69 6.34 29.01
N ALA B 126 -18.79 7.60 29.41
CA ALA B 126 -20.04 8.17 29.91
C ALA B 126 -20.77 9.00 28.85
N LYS B 127 -20.34 8.92 27.59
CA LYS B 127 -20.95 9.70 26.52
C LYS B 127 -20.55 9.08 25.19
N LEU B 128 -21.47 9.13 24.22
CA LEU B 128 -21.24 8.63 22.88
C LEU B 128 -21.65 9.69 21.88
N MET B 129 -20.91 9.77 20.78
CA MET B 129 -21.20 10.70 19.69
C MET B 129 -21.34 9.91 18.39
N VAL B 130 -22.41 10.16 17.65
CA VAL B 130 -22.70 9.47 16.41
C VAL B 130 -22.87 10.51 15.32
N VAL B 131 -21.96 10.53 14.36
CA VAL B 131 -22.06 11.41 13.21
C VAL B 131 -22.74 10.64 12.08
N ILE B 132 -23.82 11.19 11.54
CA ILE B 132 -24.66 10.48 10.58
C ILE B 132 -24.64 11.21 9.25
N PRO B 133 -24.58 10.49 8.11
CA PRO B 133 -24.54 11.19 6.81
C PRO B 133 -25.90 11.70 6.36
N ASP B 134 -26.97 10.96 6.62
CA ASP B 134 -28.29 11.31 6.11
C ASP B 134 -29.34 10.59 6.93
N TYR B 135 -30.60 10.68 6.48
CA TYR B 135 -31.71 10.09 7.22
C TYR B 135 -31.77 8.58 7.09
N ASN B 136 -31.31 8.03 5.97
CA ASN B 136 -31.35 6.58 5.80
C ASN B 136 -30.55 5.88 6.88
N THR B 137 -29.36 6.40 7.19
CA THR B 137 -28.58 5.85 8.29
C THR B 137 -29.27 6.10 9.62
N TYR B 138 -29.85 7.29 9.80
CA TYR B 138 -30.56 7.61 11.03
C TYR B 138 -31.64 6.58 11.34
N LYS B 139 -32.31 6.07 10.29
CA LYS B 139 -33.39 5.12 10.51
C LYS B 139 -32.87 3.82 11.13
N ASN B 140 -31.68 3.38 10.71
CA ASN B 140 -31.16 2.09 11.11
C ASN B 140 -30.26 2.14 12.34
N THR B 141 -29.90 3.32 12.82
CA THR B 141 -28.95 3.44 13.93
C THR B 141 -29.56 4.08 15.17
N CYS B 142 -30.17 5.26 15.05
CA CYS B 142 -30.63 6.03 16.20
C CYS B 142 -32.14 6.18 16.23
N ASP B 143 -32.88 5.28 15.59
CA ASP B 143 -34.33 5.36 15.62
C ASP B 143 -34.83 5.22 17.06
N GLY B 144 -35.82 6.05 17.41
CA GLY B 144 -36.34 6.06 18.77
C GLY B 144 -35.47 6.89 19.69
N THR B 145 -35.88 6.91 20.96
CA THR B 145 -35.16 7.66 21.98
C THR B 145 -34.08 6.84 22.68
N THR B 146 -33.99 5.53 22.40
CA THR B 146 -32.95 4.69 22.96
C THR B 146 -32.37 3.81 21.85
N PHE B 147 -31.05 3.77 21.77
CA PHE B 147 -30.34 2.93 20.81
C PHE B 147 -29.23 2.18 21.52
N THR B 148 -28.99 0.95 21.08
CA THR B 148 -28.02 0.07 21.72
C THR B 148 -26.77 -0.02 20.84
N TYR B 149 -25.62 0.31 21.42
CA TYR B 149 -24.34 0.21 20.73
C TYR B 149 -23.28 -0.17 21.74
N ALA B 150 -22.33 -1.00 21.32
CA ALA B 150 -21.27 -1.51 22.19
C ALA B 150 -21.81 -2.45 23.26
N SER B 151 -22.87 -3.19 22.93
CA SER B 151 -23.49 -4.13 23.86
C SER B 151 -23.92 -3.42 25.15
N ALA B 152 -24.49 -2.24 24.99
CA ALA B 152 -25.02 -1.47 26.12
C ALA B 152 -26.30 -0.80 25.65
N LEU B 153 -26.83 0.11 26.48
CA LEU B 153 -28.05 0.85 26.16
C LEU B 153 -27.78 2.33 26.33
N TRP B 154 -28.09 3.10 25.29
CA TRP B 154 -27.91 4.54 25.28
C TRP B 154 -29.25 5.23 25.01
N GLU B 155 -29.39 6.43 25.58
CA GLU B 155 -30.60 7.23 25.40
C GLU B 155 -30.18 8.61 24.90
N ILE B 156 -30.74 9.03 23.76
CA ILE B 156 -30.36 10.30 23.16
C ILE B 156 -30.79 11.44 24.06
N GLN B 157 -29.91 12.44 24.19
CA GLN B 157 -30.20 13.63 24.98
C GLN B 157 -30.00 14.93 24.25
N GLN B 158 -29.51 14.89 23.00
CA GLN B 158 -29.27 16.11 22.25
C GLN B 158 -28.88 15.73 20.83
N VAL B 159 -29.24 16.60 19.88
CA VAL B 159 -28.89 16.42 18.48
C VAL B 159 -28.48 17.77 17.91
N VAL B 160 -27.44 17.77 17.08
CA VAL B 160 -26.88 18.99 16.53
C VAL B 160 -26.63 18.79 15.04
N ASP B 161 -26.53 19.91 14.32
CA ASP B 161 -26.19 19.93 12.91
C ASP B 161 -25.10 20.95 12.67
N ALA B 162 -24.51 20.89 11.48
CA ALA B 162 -23.44 21.82 11.11
C ALA B 162 -23.92 23.26 11.22
N LYS B 165 -26.49 24.46 16.05
CA LYS B 165 -27.94 24.69 16.07
C LYS B 165 -28.68 23.43 16.46
N ILE B 166 -29.46 23.52 17.54
CA ILE B 166 -30.13 22.34 18.07
C ILE B 166 -31.18 21.85 17.08
N VAL B 167 -31.41 20.54 17.08
CA VAL B 167 -32.40 19.90 16.23
C VAL B 167 -33.33 19.08 17.11
N GLN B 168 -34.63 19.21 16.89
CA GLN B 168 -35.62 18.45 17.63
C GLN B 168 -35.90 17.13 16.91
N LEU B 169 -36.09 16.07 17.69
CA LEU B 169 -36.25 14.74 17.11
C LEU B 169 -37.46 14.66 16.19
N SER B 170 -38.44 15.55 16.34
CA SER B 170 -39.59 15.52 15.45
C SER B 170 -39.23 16.02 14.06
N GLU B 171 -38.19 16.85 13.94
CA GLU B 171 -37.79 17.37 12.64
C GLU B 171 -37.31 16.26 11.72
N ILE B 172 -36.52 15.33 12.25
CA ILE B 172 -35.94 14.28 11.42
C ILE B 172 -37.07 13.38 10.91
N SER B 173 -37.19 13.28 9.60
CA SER B 173 -38.20 12.43 8.97
C SER B 173 -37.97 12.32 7.47
N ASN B 176 -38.90 15.51 5.18
CA ASN B 176 -38.31 16.76 5.67
C ASN B 176 -36.79 16.66 5.69
N SER B 177 -36.27 15.50 5.30
CA SER B 177 -34.82 15.29 5.34
C SER B 177 -34.03 16.32 4.54
N PRO B 178 -34.45 16.75 3.35
CA PRO B 178 -33.62 17.70 2.59
C PRO B 178 -33.41 19.03 3.29
N ASN B 179 -34.24 19.35 4.29
CA ASN B 179 -34.15 20.64 4.97
C ASN B 179 -33.12 20.64 6.09
N LEU B 180 -32.46 19.51 6.36
CA LEU B 180 -31.49 19.40 7.44
C LEU B 180 -30.10 19.13 6.88
N ALA B 181 -29.09 19.68 7.57
CA ALA B 181 -27.71 19.44 7.17
C ALA B 181 -27.34 17.98 7.36
N TRP B 182 -26.47 17.49 6.48
CA TRP B 182 -26.11 16.07 6.50
C TRP B 182 -25.45 15.63 7.80
N PRO B 183 -24.45 16.33 8.34
CA PRO B 183 -23.72 15.80 9.49
C PRO B 183 -24.42 16.03 10.82
N LEU B 184 -25.36 15.14 11.17
CA LEU B 184 -26.05 15.22 12.45
C LEU B 184 -25.23 14.52 13.53
N ILE B 185 -25.05 15.20 14.65
CA ILE B 185 -24.23 14.70 15.77
C ILE B 185 -25.20 14.24 16.85
N VAL B 186 -25.45 12.94 16.90
CA VAL B 186 -26.39 12.35 17.85
C VAL B 186 -25.58 11.93 19.08
N THR B 187 -25.42 12.85 20.02
CA THR B 187 -24.80 12.50 21.29
C THR B 187 -25.76 11.64 22.11
N ALA B 188 -25.24 11.06 23.18
CA ALA B 188 -26.02 10.15 24.00
C ALA B 188 -25.33 9.98 25.36
N LEU B 189 -25.90 9.08 26.18
CA LEU B 189 -25.33 8.74 27.47
C LEU B 189 -25.60 7.28 27.75
N ARG B 190 -24.83 6.72 28.67
CA ARG B 190 -24.98 5.31 29.03
C ARG B 190 -26.11 5.13 30.05
N ALA B 191 -26.94 4.13 29.82
CA ALA B 191 -28.06 3.83 30.70
C ALA B 191 -27.67 2.69 31.64
N ASN B 192 -27.75 2.94 32.94
CA ASN B 192 -27.39 1.95 33.94
C ASN B 192 -28.53 0.94 34.14
N LYS C 7 -17.92 24.54 -9.39
CA LYS C 7 -19.23 25.06 -8.99
C LYS C 7 -19.65 24.54 -7.63
N CYS C 8 -19.56 23.24 -7.44
CA CYS C 8 -20.16 22.57 -6.29
C CYS C 8 -19.81 23.26 -4.98
N THR C 9 -18.65 23.91 -4.92
CA THR C 9 -18.25 24.59 -3.69
C THR C 9 -19.14 25.80 -3.42
N SER C 10 -19.49 26.56 -4.46
CA SER C 10 -20.28 27.77 -4.26
C SER C 10 -21.68 27.44 -3.77
N VAL C 11 -22.22 26.28 -4.15
CA VAL C 11 -23.56 25.89 -3.72
C VAL C 11 -23.51 25.13 -2.40
N VAL C 12 -22.57 24.18 -2.28
CA VAL C 12 -22.46 23.41 -1.04
C VAL C 12 -22.05 24.31 0.12
N LEU C 13 -21.09 25.20 -0.12
CA LEU C 13 -20.64 26.10 0.95
C LEU C 13 -21.77 27.01 1.44
N LEU C 14 -22.81 27.21 0.62
CA LEU C 14 -23.95 27.99 1.07
C LEU C 14 -24.91 27.17 1.91
N SER C 15 -24.91 25.84 1.73
CA SER C 15 -25.83 24.99 2.49
C SER C 15 -25.58 25.07 3.99
N VAL C 16 -24.41 25.53 4.41
CA VAL C 16 -24.07 25.63 5.82
C VAL C 16 -23.94 27.09 6.25
N LEU C 17 -23.48 27.96 5.35
CA LEU C 17 -23.29 29.38 5.66
C LEU C 17 -24.51 29.95 6.37
N VAL C 33 -26.98 34.37 -4.67
CA VAL C 33 -28.07 34.14 -5.62
C VAL C 33 -27.66 34.58 -7.01
N GLN C 34 -26.97 35.71 -7.09
CA GLN C 34 -26.49 36.20 -8.39
C GLN C 34 -25.35 35.34 -8.91
N LEU C 35 -24.55 34.76 -8.01
CA LEU C 35 -23.33 34.06 -8.41
C LEU C 35 -23.58 32.61 -8.81
N HIS C 36 -24.82 32.15 -8.79
CA HIS C 36 -25.11 30.81 -9.31
C HIS C 36 -25.02 30.78 -10.84
N ASN C 37 -25.68 31.72 -11.50
CA ASN C 37 -25.81 31.65 -12.95
C ASN C 37 -24.45 31.70 -13.64
N ASP C 38 -23.57 32.59 -13.18
CA ASP C 38 -22.28 32.75 -13.85
C ASP C 38 -21.47 31.46 -13.80
N ILE C 39 -21.46 30.78 -12.65
CA ILE C 39 -20.54 29.66 -12.48
C ILE C 39 -20.93 28.48 -13.35
N LEU C 40 -22.22 28.16 -13.43
CA LEU C 40 -22.64 26.98 -14.18
C LEU C 40 -22.58 27.24 -15.69
N LEU C 41 -22.92 28.46 -16.12
CA LEU C 41 -23.03 28.80 -17.53
C LEU C 41 -21.72 29.29 -18.12
N ALA C 42 -20.58 28.85 -17.57
CA ALA C 42 -19.28 29.32 -18.06
C ALA C 42 -18.74 28.37 -19.13
N LYS C 43 -18.06 28.96 -20.11
CA LYS C 43 -17.42 28.23 -21.19
C LYS C 43 -15.91 28.24 -21.07
N ASP C 44 -15.32 29.41 -20.85
CA ASP C 44 -13.98 29.51 -20.30
C ASP C 44 -14.09 29.64 -18.77
N THR C 45 -13.04 29.21 -18.08
CA THR C 45 -13.15 28.84 -16.68
C THR C 45 -12.83 29.97 -15.70
N THR C 46 -11.94 30.89 -16.04
CA THR C 46 -11.33 31.75 -15.04
C THR C 46 -12.25 32.87 -14.54
N GLU C 47 -13.55 32.83 -14.83
CA GLU C 47 -14.46 33.84 -14.31
C GLU C 47 -15.07 33.42 -12.97
N ALA C 48 -15.57 32.19 -12.89
CA ALA C 48 -16.20 31.73 -11.66
C ALA C 48 -15.22 31.71 -10.50
N PHE C 49 -13.96 31.38 -10.78
CA PHE C 49 -12.96 31.22 -9.73
C PHE C 49 -12.65 32.52 -9.00
N GLU C 50 -13.27 33.64 -9.39
CA GLU C 50 -13.27 34.85 -8.59
C GLU C 50 -14.61 35.11 -7.92
N LYS C 51 -15.67 34.42 -8.34
CA LYS C 51 -16.96 34.57 -7.69
C LYS C 51 -16.94 33.97 -6.29
N MET C 52 -16.33 32.79 -6.13
CA MET C 52 -16.41 32.07 -4.86
C MET C 52 -15.77 32.86 -3.72
N VAL C 53 -14.72 33.63 -4.01
CA VAL C 53 -14.09 34.41 -2.95
C VAL C 53 -15.01 35.51 -2.45
N SER C 54 -15.79 36.12 -3.35
CA SER C 54 -16.68 37.20 -2.95
C SER C 54 -17.72 36.72 -1.94
N LEU C 55 -18.34 35.57 -2.22
CA LEU C 55 -19.32 35.02 -1.29
C LEU C 55 -18.66 34.64 0.03
N LEU C 56 -17.50 33.98 -0.04
CA LEU C 56 -16.85 33.50 1.17
C LEU C 56 -16.45 34.66 2.08
N SER C 57 -15.96 35.75 1.49
CA SER C 57 -15.57 36.91 2.29
C SER C 57 -16.77 37.48 3.04
N VAL C 58 -17.91 37.57 2.37
CA VAL C 58 -19.14 38.08 3.00
C VAL C 58 -19.67 37.03 3.98
N THR D 84 -12.46 47.52 2.07
CA THR D 84 -13.15 46.26 1.81
C THR D 84 -14.11 46.38 0.63
N SER D 85 -13.88 47.38 -0.22
CA SER D 85 -14.68 47.60 -1.41
C SER D 85 -13.94 47.28 -2.71
N ALA D 86 -12.62 47.07 -2.65
CA ALA D 86 -11.85 46.81 -3.85
C ALA D 86 -12.31 45.54 -4.54
N MET D 87 -12.57 44.48 -3.76
CA MET D 87 -12.98 43.22 -4.35
C MET D 87 -14.33 43.36 -5.06
N GLN D 88 -15.28 44.05 -4.43
CA GLN D 88 -16.59 44.23 -5.05
C GLN D 88 -16.51 45.09 -6.30
N THR D 89 -15.73 46.18 -6.27
CA THR D 89 -15.64 46.99 -7.48
C THR D 89 -14.95 46.22 -8.61
N MET D 90 -13.91 45.44 -8.29
CA MET D 90 -13.29 44.60 -9.31
C MET D 90 -14.29 43.60 -9.87
N LEU D 91 -15.07 42.97 -9.00
CA LEU D 91 -16.07 42.00 -9.45
C LEU D 91 -17.09 42.66 -10.37
N PHE D 92 -17.57 43.84 -10.02
CA PHE D 92 -18.57 44.52 -10.84
C PHE D 92 -17.98 44.91 -12.19
N THR D 93 -16.74 45.42 -12.20
CA THR D 93 -16.12 45.77 -13.47
C THR D 93 -15.95 44.53 -14.35
N MET D 94 -15.51 43.41 -13.76
CA MET D 94 -15.37 42.19 -14.55
C MET D 94 -16.72 41.74 -15.10
N LEU D 95 -17.77 41.79 -14.28
CA LEU D 95 -19.09 41.39 -14.76
C LEU D 95 -19.53 42.25 -15.93
N ARG D 96 -19.46 43.58 -15.78
CA ARG D 96 -19.88 44.44 -16.89
C ARG D 96 -18.97 44.28 -18.10
N LYS D 97 -17.75 43.80 -17.91
CA LYS D 97 -16.89 43.49 -19.06
C LYS D 97 -17.32 42.21 -19.75
N LEU D 98 -17.85 41.23 -19.00
CA LEU D 98 -18.29 39.98 -19.61
C LEU D 98 -19.35 40.23 -20.67
N ASP D 99 -20.34 41.06 -20.37
CA ASP D 99 -21.38 41.46 -21.32
C ASP D 99 -22.15 40.24 -21.84
N ASN D 100 -22.85 39.59 -20.91
CA ASN D 100 -23.77 38.51 -21.24
C ASN D 100 -25.17 38.94 -20.86
N ASP D 101 -26.13 38.79 -21.79
CA ASP D 101 -27.47 39.30 -21.57
C ASP D 101 -28.12 38.64 -20.36
N ALA D 102 -27.97 37.32 -20.22
CA ALA D 102 -28.59 36.62 -19.10
C ALA D 102 -28.11 37.19 -17.78
N LEU D 103 -26.80 37.40 -17.64
CA LEU D 103 -26.28 38.02 -16.43
C LEU D 103 -26.75 39.47 -16.32
N ASN D 104 -26.75 40.21 -17.43
CA ASN D 104 -27.16 41.61 -17.39
C ASN D 104 -28.61 41.75 -16.97
N ASN D 105 -29.48 40.86 -17.46
CA ASN D 105 -30.90 40.95 -17.14
C ASN D 105 -31.12 40.91 -15.63
N ILE D 106 -30.56 39.89 -14.96
CA ILE D 106 -30.75 39.75 -13.53
C ILE D 106 -30.01 40.85 -12.77
N ILE D 107 -28.85 41.28 -13.26
CA ILE D 107 -28.12 42.35 -12.59
C ILE D 107 -28.92 43.64 -12.63
N ASN D 108 -29.50 43.96 -13.79
CA ASN D 108 -30.32 45.16 -13.90
C ASN D 108 -31.56 45.06 -13.03
N ASN D 109 -32.21 43.89 -13.01
CA ASN D 109 -33.42 43.73 -12.22
C ASN D 109 -33.16 44.03 -10.75
N ALA D 110 -31.99 43.67 -10.24
CA ALA D 110 -31.68 43.92 -8.84
C ALA D 110 -31.64 45.41 -8.54
N ARG D 111 -31.07 46.21 -9.45
CA ARG D 111 -30.95 47.64 -9.24
C ARG D 111 -32.32 48.29 -9.10
N CYS D 114 -36.86 43.31 -8.77
CA CYS D 114 -37.01 41.86 -8.88
C CYS D 114 -35.74 41.14 -8.41
N VAL D 115 -35.86 40.42 -7.30
CA VAL D 115 -34.75 39.66 -6.75
C VAL D 115 -35.25 38.25 -6.43
N PRO D 116 -34.44 37.22 -6.58
CA PRO D 116 -34.87 35.87 -6.18
C PRO D 116 -34.65 35.64 -4.69
N LEU D 117 -35.33 34.60 -4.18
CA LEU D 117 -35.21 34.21 -2.79
C LEU D 117 -34.36 32.96 -2.57
N ASN D 118 -34.10 32.19 -3.61
CA ASN D 118 -33.32 30.96 -3.50
C ASN D 118 -32.42 30.85 -4.73
N ILE D 119 -31.74 29.70 -4.84
CA ILE D 119 -30.85 29.48 -5.97
C ILE D 119 -31.67 29.23 -7.23
N ILE D 120 -31.29 29.88 -8.31
CA ILE D 120 -32.02 29.72 -9.58
C ILE D 120 -31.82 28.29 -10.08
N PRO D 121 -32.88 27.53 -10.33
CA PRO D 121 -32.72 26.14 -10.79
C PRO D 121 -32.52 26.08 -12.30
N LEU D 122 -32.38 24.85 -12.79
CA LEU D 122 -32.30 24.60 -14.23
C LEU D 122 -33.17 23.40 -14.60
N LYS D 127 -38.39 24.96 -9.42
CA LYS D 127 -39.29 26.05 -9.05
C LYS D 127 -38.51 27.22 -8.47
N LEU D 128 -38.89 28.44 -8.86
CA LEU D 128 -38.18 29.66 -8.50
C LEU D 128 -39.10 30.62 -7.79
N MET D 129 -38.58 31.27 -6.75
CA MET D 129 -39.29 32.32 -6.03
C MET D 129 -38.68 33.67 -6.38
N VAL D 130 -39.51 34.60 -6.80
CA VAL D 130 -39.07 35.94 -7.19
C VAL D 130 -39.93 36.96 -6.46
N VAL D 131 -39.30 38.01 -5.94
CA VAL D 131 -40.01 39.06 -5.24
C VAL D 131 -41.11 39.63 -6.12
N PHE D 147 -43.83 35.28 -18.13
CA PHE D 147 -42.77 35.81 -17.30
C PHE D 147 -41.40 35.48 -17.88
N THR D 148 -40.63 36.53 -18.19
CA THR D 148 -39.29 36.40 -18.75
C THR D 148 -38.27 36.88 -17.73
N TYR D 149 -37.30 36.03 -17.42
CA TYR D 149 -36.27 36.36 -16.44
C TYR D 149 -34.99 35.60 -16.79
N ALA D 150 -33.87 36.29 -16.68
CA ALA D 150 -32.56 35.69 -16.96
C ALA D 150 -32.52 35.07 -18.35
N SER D 151 -33.12 35.77 -19.32
CA SER D 151 -33.18 35.30 -20.70
C SER D 151 -33.86 33.94 -20.80
N ALA D 152 -34.77 33.66 -19.88
CA ALA D 152 -35.50 32.40 -19.85
C ALA D 152 -36.97 32.67 -19.57
N LEU D 153 -37.83 31.78 -20.05
CA LEU D 153 -39.27 31.90 -19.88
C LEU D 153 -39.74 30.98 -18.77
N TRP D 154 -40.53 31.52 -17.84
CA TRP D 154 -41.03 30.79 -16.69
C TRP D 154 -42.54 30.78 -16.72
N GLU D 155 -43.14 29.60 -16.50
CA GLU D 155 -44.59 29.47 -16.43
C GLU D 155 -45.03 29.63 -14.99
N ILE D 156 -45.99 30.53 -14.77
CA ILE D 156 -46.42 30.89 -13.43
C ILE D 156 -47.51 29.92 -12.97
N GLN D 157 -47.37 29.44 -11.73
CA GLN D 157 -48.34 28.53 -11.15
C GLN D 157 -49.05 29.09 -9.92
N GLN D 158 -48.37 29.90 -9.12
CA GLN D 158 -48.97 30.42 -7.89
C GLN D 158 -48.29 31.74 -7.54
N VAL D 159 -49.07 32.63 -6.91
CA VAL D 159 -48.60 33.95 -6.53
C VAL D 159 -49.03 34.24 -5.10
N VAL D 160 -48.27 35.11 -4.42
CA VAL D 160 -48.56 35.50 -3.05
C VAL D 160 -48.35 37.01 -2.94
N ASP D 161 -49.03 37.61 -1.96
CA ASP D 161 -48.94 39.03 -1.66
C ASP D 161 -48.26 39.24 -0.31
N ALA D 162 -48.22 40.50 0.12
CA ALA D 162 -47.48 40.84 1.33
C ALA D 162 -48.05 40.12 2.56
N ASP D 163 -49.38 40.07 2.68
CA ASP D 163 -50.02 39.45 3.83
C ASP D 163 -50.20 37.94 3.68
N SER D 164 -49.45 37.31 2.77
CA SER D 164 -49.50 35.85 2.60
C SER D 164 -50.89 35.39 2.20
N LYS D 165 -51.51 36.11 1.28
CA LYS D 165 -52.82 35.76 0.74
C LYS D 165 -52.69 35.52 -0.76
N ILE D 166 -53.21 34.39 -1.23
CA ILE D 166 -53.12 34.06 -2.64
C ILE D 166 -53.92 35.06 -3.46
N VAL D 167 -53.35 35.48 -4.58
CA VAL D 167 -53.99 36.43 -5.49
C VAL D 167 -54.10 35.78 -6.86
N GLN D 168 -55.29 35.83 -7.44
CA GLN D 168 -55.53 35.23 -8.75
C GLN D 168 -54.65 35.88 -9.81
N PRO D 183 -44.64 44.72 -1.99
CA PRO D 183 -43.69 43.68 -2.37
C PRO D 183 -44.33 42.29 -2.41
N LEU D 184 -44.79 41.88 -3.59
CA LEU D 184 -45.44 40.59 -3.76
C LEU D 184 -44.38 39.49 -3.91
N ILE D 185 -44.84 38.24 -3.96
CA ILE D 185 -43.98 37.08 -4.13
C ILE D 185 -44.50 36.29 -5.32
N VAL D 186 -43.60 35.92 -6.23
CA VAL D 186 -43.94 35.23 -7.46
C VAL D 186 -43.27 33.87 -7.48
N THR D 187 -44.00 32.85 -7.91
CA THR D 187 -43.49 31.49 -8.02
C THR D 187 -43.74 30.99 -9.44
N ALA D 188 -42.78 30.24 -9.97
CA ALA D 188 -42.88 29.69 -11.32
C ALA D 188 -41.94 28.50 -11.45
N LEU D 189 -42.19 27.71 -12.49
CA LEU D 189 -41.36 26.55 -12.77
C LEU D 189 -40.42 26.84 -13.94
N ASN E 1 8.04 -29.90 -13.56
CA ASN E 1 9.27 -30.74 -13.69
C ASN E 1 10.36 -30.22 -12.75
N ASN E 2 9.95 -29.72 -11.59
CA ASN E 2 10.89 -29.25 -10.57
C ASN E 2 11.60 -30.44 -9.98
N GLU E 3 12.85 -30.65 -10.37
CA GLU E 3 13.60 -31.81 -9.93
C GLU E 3 14.19 -31.58 -8.55
N LEU E 4 14.32 -32.67 -7.79
CA LEU E 4 14.84 -32.59 -6.42
C LEU E 4 16.26 -32.06 -6.42
N SER E 5 17.19 -32.81 -7.00
CA SER E 5 18.59 -32.42 -7.02
C SER E 5 19.32 -33.10 -8.17
N PRO E 6 19.44 -32.47 -9.33
CA PRO E 6 20.21 -33.06 -10.43
C PRO E 6 21.71 -32.87 -10.20
N VAL E 7 22.49 -33.57 -11.02
CA VAL E 7 23.95 -33.59 -10.92
C VAL E 7 24.37 -33.66 -9.46
N ALA E 8 23.91 -34.71 -8.77
CA ALA E 8 24.22 -34.87 -7.35
C ALA E 8 25.71 -35.06 -7.14
N LEU E 9 26.20 -34.54 -6.02
CA LEU E 9 27.61 -34.64 -5.68
C LEU E 9 27.92 -36.06 -5.18
N ARG E 10 29.21 -36.31 -4.94
CA ARG E 10 29.72 -37.66 -4.75
C ARG E 10 30.31 -37.84 -3.35
N GLN E 11 30.94 -38.99 -3.13
CA GLN E 11 31.49 -39.35 -1.84
C GLN E 11 32.75 -38.53 -1.53
N MET E 12 33.01 -38.39 -0.23
CA MET E 12 34.24 -37.76 0.25
C MET E 12 34.57 -38.31 1.63
N SER E 13 35.86 -38.35 1.94
CA SER E 13 36.35 -38.88 3.21
C SER E 13 36.60 -37.73 4.18
N CYS E 14 36.14 -37.89 5.41
CA CYS E 14 36.27 -36.87 6.44
C CYS E 14 36.60 -37.52 7.77
N ALA E 15 37.25 -36.75 8.64
CA ALA E 15 37.56 -37.21 9.98
C ALA E 15 36.34 -37.09 10.87
N ALA E 16 36.14 -38.09 11.73
CA ALA E 16 35.00 -38.14 12.63
C ALA E 16 35.44 -38.52 14.03
N GLY E 17 34.64 -38.12 15.00
CA GLY E 17 34.94 -38.41 16.40
C GLY E 17 33.71 -38.83 17.17
N TYR E 31 29.22 -36.89 2.70
CA TYR E 31 28.60 -36.18 1.60
C TYR E 31 28.89 -34.68 1.71
N TYR E 32 29.44 -34.12 0.64
CA TYR E 32 29.87 -32.73 0.62
C TYR E 32 28.99 -31.90 -0.31
N ASN E 33 28.94 -30.60 -0.04
CA ASN E 33 28.33 -29.62 -0.93
C ASN E 33 29.41 -28.59 -1.23
N THR E 34 30.16 -28.80 -2.31
CA THR E 34 31.30 -27.97 -2.64
C THR E 34 30.79 -26.61 -3.12
N THR E 35 30.80 -25.63 -2.22
CA THR E 35 30.44 -24.26 -2.55
C THR E 35 31.71 -23.43 -2.64
N LYS E 36 31.86 -22.70 -3.74
CA LYS E 36 33.08 -21.95 -3.97
C LYS E 36 33.36 -20.96 -2.84
N GLY E 37 32.32 -20.51 -2.15
CA GLY E 37 32.49 -19.66 -1.00
C GLY E 37 32.68 -20.45 0.28
N GLY E 38 33.59 -21.41 0.25
CA GLY E 38 33.86 -22.25 1.41
C GLY E 38 33.18 -23.59 1.36
N ARG E 39 33.95 -24.67 1.54
CA ARG E 39 33.38 -26.01 1.50
C ARG E 39 32.42 -26.21 2.66
N PHE E 40 31.36 -26.98 2.40
CA PHE E 40 30.34 -27.27 3.40
C PHE E 40 29.93 -28.72 3.26
N VAL E 41 30.06 -29.49 4.34
CA VAL E 41 29.69 -30.90 4.35
C VAL E 41 28.28 -31.02 4.89
N LEU E 42 27.43 -31.76 4.18
CA LEU E 42 26.04 -31.94 4.56
C LEU E 42 25.86 -33.12 5.51
N ALA E 43 26.27 -34.32 5.07
CA ALA E 43 26.08 -35.53 5.86
C ALA E 43 27.32 -36.41 5.73
N LEU E 44 27.69 -37.06 6.83
CA LEU E 44 28.78 -38.01 6.87
C LEU E 44 28.19 -39.42 6.87
N LEU E 45 28.22 -40.07 5.72
CA LEU E 45 27.68 -41.43 5.60
C LEU E 45 28.71 -42.46 6.04
N GLN E 49 26.86 -47.39 14.84
CA GLN E 49 27.78 -46.55 15.58
C GLN E 49 27.19 -45.16 15.78
N ASP E 50 27.58 -44.50 16.86
CA ASP E 50 27.14 -43.15 17.18
C ASP E 50 28.37 -42.25 17.26
N LEU E 51 28.41 -41.21 16.43
CA LEU E 51 29.50 -40.24 16.40
C LEU E 51 28.89 -38.87 16.68
N LYS E 52 28.96 -38.43 17.94
CA LYS E 52 28.31 -37.18 18.33
C LYS E 52 29.01 -35.96 17.74
N TRP E 53 30.31 -36.06 17.46
CA TRP E 53 31.08 -34.94 16.97
C TRP E 53 31.97 -35.37 15.82
N ALA E 54 32.06 -34.53 14.80
CA ALA E 54 32.93 -34.77 13.65
C ALA E 54 33.80 -33.53 13.43
N ARG E 55 35.01 -33.77 12.96
CA ARG E 55 36.00 -32.70 12.78
C ARG E 55 36.53 -32.74 11.35
N PHE E 56 36.80 -31.55 10.81
CA PHE E 56 37.29 -31.41 9.45
C PHE E 56 38.43 -30.40 9.39
N THR E 64 40.76 -26.35 10.98
CA THR E 64 39.85 -27.45 11.31
C THR E 64 38.60 -26.92 12.01
N ILE E 65 37.47 -27.57 11.74
CA ILE E 65 36.18 -27.16 12.29
C ILE E 65 35.44 -28.39 12.79
N TYR E 66 34.74 -28.24 13.91
CA TYR E 66 33.91 -29.31 14.45
C TYR E 66 32.49 -29.18 13.92
N THR E 67 31.90 -30.32 13.58
CA THR E 67 30.52 -30.38 13.08
C THR E 67 29.79 -31.51 13.80
N GLU E 68 28.96 -31.14 14.77
CA GLU E 68 28.20 -32.13 15.53
C GLU E 68 27.17 -32.81 14.63
N LEU E 69 26.91 -34.08 14.91
CA LEU E 69 26.09 -34.93 14.07
C LEU E 69 24.81 -35.35 14.80
N GLU E 70 23.81 -35.72 14.03
CA GLU E 70 22.53 -36.17 14.56
C GLU E 70 22.55 -37.67 14.80
N PRO E 71 21.52 -38.20 15.47
CA PRO E 71 21.47 -39.64 15.70
C PRO E 71 21.44 -40.39 14.38
N PRO E 72 21.95 -41.62 14.35
CA PRO E 72 22.03 -42.35 13.09
C PRO E 72 20.66 -42.60 12.47
N CYS E 73 20.65 -42.72 11.16
CA CYS E 73 19.45 -43.05 10.38
C CYS E 73 19.63 -44.46 9.83
N ARG E 74 19.21 -45.45 10.62
CA ARG E 74 19.38 -46.84 10.24
C ARG E 74 18.60 -47.14 8.96
N PHE E 75 19.17 -48.01 8.14
CA PHE E 75 18.51 -48.44 6.91
C PHE E 75 19.06 -49.80 6.45
N VAL E 85 25.00 -53.02 7.79
CA VAL E 85 24.02 -52.10 8.37
C VAL E 85 24.67 -50.72 8.54
N LYS E 86 24.77 -49.98 7.44
CA LYS E 86 25.38 -48.66 7.50
C LYS E 86 24.41 -47.66 8.11
N TYR E 87 24.95 -46.47 8.43
CA TYR E 87 24.18 -45.41 9.06
C TYR E 87 24.56 -44.08 8.45
N LEU E 88 23.62 -43.13 8.47
CA LEU E 88 23.82 -41.80 7.93
C LEU E 88 23.68 -40.78 9.04
N TYR E 89 24.41 -39.67 8.89
CA TYR E 89 24.48 -38.63 9.91
C TYR E 89 24.11 -37.28 9.32
N PHE E 90 23.23 -36.56 10.00
CA PHE E 90 22.83 -35.21 9.62
C PHE E 90 23.35 -34.23 10.66
N ILE E 91 23.78 -33.05 10.19
CA ILE E 91 24.21 -31.99 11.09
C ILE E 91 22.96 -31.28 11.62
N LYS E 92 22.87 -31.15 12.95
CA LYS E 92 21.72 -30.45 13.52
C LYS E 92 21.64 -29.02 12.98
N GLY E 93 20.45 -28.63 12.55
CA GLY E 93 20.26 -27.34 11.93
C GLY E 93 20.29 -27.42 10.42
N LEU E 94 19.76 -28.52 9.88
CA LEU E 94 19.74 -28.77 8.45
C LEU E 94 18.31 -28.63 7.93
N ASN E 95 18.14 -27.86 6.86
CA ASN E 95 16.82 -27.62 6.30
C ASN E 95 16.27 -28.89 5.67
N ASN E 96 15.06 -28.78 5.11
CA ASN E 96 14.38 -29.92 4.51
C ASN E 96 14.74 -30.11 3.05
N LEU E 97 15.45 -29.18 2.43
CA LEU E 97 15.92 -29.37 1.07
C LEU E 97 17.22 -30.16 1.05
N ASN E 98 18.16 -29.79 1.92
CA ASN E 98 19.43 -30.51 1.97
C ASN E 98 19.22 -31.97 2.32
N ARG E 99 18.31 -32.27 3.24
CA ARG E 99 17.96 -33.66 3.52
C ARG E 99 17.50 -34.36 2.25
N GLY E 100 16.83 -33.64 1.35
CA GLY E 100 16.48 -34.24 0.07
C GLY E 100 17.68 -34.55 -0.78
N MET E 101 18.64 -33.61 -0.84
CA MET E 101 19.86 -33.86 -1.60
C MET E 101 20.64 -35.03 -1.01
N VAL E 102 20.77 -35.07 0.32
CA VAL E 102 21.52 -36.15 0.95
C VAL E 102 20.81 -37.48 0.77
N LEU E 103 19.51 -37.51 1.06
CA LEU E 103 18.77 -38.77 0.96
C LEU E 103 18.53 -39.16 -0.49
N GLY E 104 18.37 -38.18 -1.38
CA GLY E 104 18.18 -38.51 -2.79
C GLY E 104 19.42 -39.13 -3.40
N SER E 105 20.60 -38.57 -3.10
CA SER E 105 21.84 -39.13 -3.62
C SER E 105 22.05 -40.54 -3.08
N LEU E 106 21.78 -40.76 -1.81
CA LEU E 106 21.91 -42.08 -1.20
C LEU E 106 20.94 -43.06 -1.84
#